data_8SW0
#
_entry.id   8SW0
#
_cell.length_a   70.684
_cell.length_b   257.715
_cell.length_c   60.387
_cell.angle_alpha   90.000
_cell.angle_beta   90.000
_cell.angle_gamma   90.000
#
_symmetry.space_group_name_H-M   'P 21 21 2'
#
loop_
_entity.id
_entity.type
_entity.pdbx_description
1 polymer 'Puromycin-sensitive aminopeptidase'
2 non-polymer 'ZINC ION'
3 non-polymer '1,4-DIETHYLENE DIOXIDE'
4 non-polymer 2-AMINO-2-HYDROXYMETHYL-PROPANE-1,3-DIOL
5 water water
#
_entity_poly.entity_id   1
_entity_poly.type   'polypeptide(L)'
_entity_poly.pdbx_seq_one_letter_code
;MSYYHHHHHHDYDIPTTENLYFQGAMGSPEKRPFERLPADVSPINYSLCLKPDLLDFTFEGKLEAAAQVRQATNQIVMNC
ADIDIITASYAPEGDEEIHATGFNYQNEDEKVTLSFPSTLQTGTGTLKIDFVGELNDKMKGFYRSKYTTPSGEVRYAAVT
QFEATDARRAFPCWDEPAIKATFDISLVVPKDRVALSNMNVIDRKPYPDDENLVEVKFARTPVMSTYLVAFVVGEYDFVE
TRSKDGVCVRVYTPVGKAEQGKFALEVAAKTLPFYKDYFNVPYPLPKIDLIAIADFAAGAMENWGLVTYRETALLIDPKN
SCSSSRQWVALVVGHELAHQWFGNLVTMEWWTHLWLNEGFASWIEYLCVDHCFPEYDIWTQFVSADYTRAQELDALDNSH
PIEVSVGHPSEVDEIFDAISYSKGASVIRMLHDYIGDKDFKKGMNMYLTKFQQKNAATEDLWESLENASGKPIAAVMNTW
TKQMGFPLIYVEAEQVEDDRLLRLSQKKFCAGGSYVGEDCPQWMVPITISTSEDPNQAKLKILMDKPEMNVVLKNVKPDQ
WVKLNLGTVGFYRTQYSSAMLESLLPGIRDLSLPPVDRLGLQNDLFSLARAGIISTVEVLKVMEAFVNEPNYTVWSDLSC
NLGILSTLLSHTDFYEEIQEFVKDVFSPIGERLGWDPKPGEGHLDALLRGLVLGKLGKAGHKATLEEARRRFKDHVEGKQ
ILSADLRSPVYLTVLKHGDGTTLDIMLKLHKQADMQEEKNRIERVLGATLLPDLIQKVLTFALSEEVRPQDTVSVIGGVA
GGSKHGRKAAWKFIKDNWEELYNRYQGGFLISRLIKLSVEGFAVDKMAGEVKAFFESHPAPSAERTIQQCCENILLNAAW
LKRDAESIHQYLLQRKASPPTV
;
_entity_poly.pdbx_strand_id   A
#
# COMPACT_ATOMS: atom_id res chain seq x y z
N PHE A 34 10.05 7.66 -27.42
CA PHE A 34 8.59 7.69 -27.42
C PHE A 34 8.06 9.08 -27.75
N GLU A 35 7.00 9.12 -28.56
CA GLU A 35 6.32 10.36 -28.89
C GLU A 35 4.82 10.13 -28.86
N ARG A 36 4.09 11.13 -28.36
CA ARG A 36 2.64 11.01 -28.25
C ARG A 36 1.99 11.08 -29.63
N LEU A 37 0.66 10.95 -29.64
CA LEU A 37 -0.07 10.97 -30.89
C LEU A 37 0.01 12.36 -31.53
N PRO A 38 -0.13 12.44 -32.86
CA PRO A 38 0.08 13.72 -33.55
C PRO A 38 -0.89 14.82 -33.14
N ALA A 39 -2.07 14.47 -32.64
CA ALA A 39 -3.09 15.43 -32.20
C ALA A 39 -3.61 16.30 -33.33
N ASP A 40 -3.36 15.91 -34.58
CA ASP A 40 -3.98 16.60 -35.72
C ASP A 40 -5.46 16.30 -35.82
N VAL A 41 -5.90 15.17 -35.26
CA VAL A 41 -7.31 14.79 -35.23
C VAL A 41 -7.64 14.39 -33.79
N SER A 42 -8.45 15.22 -33.11
CA SER A 42 -8.81 14.92 -31.74
C SER A 42 -10.26 14.46 -31.65
N PRO A 43 -10.55 13.47 -30.79
CA PRO A 43 -11.92 12.96 -30.70
C PRO A 43 -12.83 13.90 -29.91
N ILE A 44 -14.13 13.69 -30.11
CA ILE A 44 -15.17 14.44 -29.42
C ILE A 44 -16.13 13.52 -28.68
N ASN A 45 -16.58 12.45 -29.34
CA ASN A 45 -17.53 11.52 -28.74
C ASN A 45 -17.31 10.12 -29.32
N TYR A 46 -17.22 9.13 -28.43
CA TYR A 46 -17.09 7.74 -28.82
C TYR A 46 -18.45 7.06 -28.73
N SER A 47 -18.90 6.47 -29.84
CA SER A 47 -20.12 5.67 -29.87
C SER A 47 -19.71 4.22 -30.09
N LEU A 48 -19.71 3.44 -29.01
CA LEU A 48 -19.23 2.06 -29.03
C LEU A 48 -20.39 1.09 -28.80
N CYS A 49 -20.32 -0.05 -29.48
CA CYS A 49 -21.28 -1.13 -29.30
C CYS A 49 -20.50 -2.44 -29.41
N LEU A 50 -20.14 -3.01 -28.26
CA LEU A 50 -19.38 -4.25 -28.21
C LEU A 50 -20.32 -5.43 -27.96
N LYS A 51 -20.11 -6.51 -28.71
CA LYS A 51 -20.84 -7.75 -28.50
C LYS A 51 -19.87 -8.82 -28.02
N PRO A 52 -19.76 -9.05 -26.71
CA PRO A 52 -18.80 -10.04 -26.19
C PRO A 52 -19.22 -11.45 -26.59
N ASP A 53 -18.38 -12.09 -27.40
CA ASP A 53 -18.65 -13.45 -27.85
C ASP A 53 -18.08 -14.42 -26.81
N LEU A 54 -18.92 -14.77 -25.84
CA LEU A 54 -18.50 -15.70 -24.80
C LEU A 54 -18.31 -17.09 -25.40
N LEU A 55 -17.63 -17.95 -24.63
CA LEU A 55 -17.29 -19.32 -25.02
C LEU A 55 -16.26 -19.35 -26.14
N ASP A 56 -16.36 -18.41 -27.09
CA ASP A 56 -15.35 -18.25 -28.13
C ASP A 56 -14.23 -17.31 -27.73
N PHE A 57 -14.41 -16.55 -26.64
CA PHE A 57 -13.37 -15.68 -26.08
C PHE A 57 -12.92 -14.61 -27.07
N THR A 58 -13.87 -14.09 -27.84
CA THR A 58 -13.64 -12.98 -28.75
C THR A 58 -14.74 -11.95 -28.58
N PHE A 59 -14.65 -10.85 -29.32
CA PHE A 59 -15.70 -9.84 -29.32
C PHE A 59 -15.57 -9.00 -30.57
N GLU A 60 -16.73 -8.57 -31.08
CA GLU A 60 -16.80 -7.68 -32.23
C GLU A 60 -17.52 -6.41 -31.82
N GLY A 61 -17.09 -5.28 -32.38
CA GLY A 61 -17.69 -4.01 -32.04
C GLY A 61 -17.42 -2.97 -33.10
N LYS A 62 -18.37 -2.05 -33.25
CA LYS A 62 -18.27 -0.95 -34.21
C LYS A 62 -18.17 0.36 -33.44
N LEU A 63 -17.37 1.29 -33.98
CA LEU A 63 -17.08 2.55 -33.33
C LEU A 63 -17.44 3.70 -34.26
N GLU A 64 -18.29 4.60 -33.81
CA GLU A 64 -18.61 5.84 -34.51
C GLU A 64 -18.07 6.98 -33.65
N ALA A 65 -16.88 7.48 -34.01
CA ALA A 65 -16.18 8.49 -33.23
C ALA A 65 -16.34 9.84 -33.92
N ALA A 66 -17.15 10.71 -33.32
CA ALA A 66 -17.19 12.10 -33.76
C ALA A 66 -15.88 12.78 -33.41
N ALA A 67 -15.23 13.39 -34.40
CA ALA A 67 -13.91 13.95 -34.22
C ALA A 67 -13.82 15.31 -34.89
N GLN A 68 -12.71 16.00 -34.65
CA GLN A 68 -12.42 17.29 -35.24
C GLN A 68 -11.03 17.25 -35.87
N VAL A 69 -10.94 17.66 -37.12
CA VAL A 69 -9.66 17.71 -37.83
C VAL A 69 -9.06 19.09 -37.57
N ARG A 70 -8.14 19.17 -36.60
CA ARG A 70 -7.53 20.44 -36.24
C ARG A 70 -6.50 20.89 -37.26
N GLN A 71 -6.01 19.98 -38.10
CA GLN A 71 -5.00 20.30 -39.10
C GLN A 71 -5.14 19.34 -40.27
N ALA A 72 -5.05 19.88 -41.48
CA ALA A 72 -5.24 19.08 -42.69
C ALA A 72 -4.23 17.95 -42.75
N THR A 73 -4.74 16.72 -42.81
CA THR A 73 -3.88 15.53 -42.85
C THR A 73 -4.52 14.48 -43.72
N ASN A 74 -3.68 13.59 -44.26
CA ASN A 74 -4.13 12.46 -45.06
C ASN A 74 -4.17 11.16 -44.29
N GLN A 75 -3.92 11.22 -42.97
CA GLN A 75 -3.87 10.01 -42.17
C GLN A 75 -4.22 10.33 -40.73
N ILE A 76 -4.79 9.34 -40.04
CA ILE A 76 -5.18 9.46 -38.65
C ILE A 76 -4.43 8.39 -37.86
N VAL A 77 -3.74 8.80 -36.79
CA VAL A 77 -2.95 7.90 -35.96
C VAL A 77 -3.68 7.70 -34.64
N MET A 78 -3.97 6.44 -34.32
CA MET A 78 -4.66 6.08 -33.09
C MET A 78 -3.85 5.03 -32.35
N ASN A 79 -4.31 4.68 -31.15
CA ASN A 79 -3.77 3.56 -30.40
C ASN A 79 -4.66 2.33 -30.62
N CYS A 80 -4.03 1.17 -30.79
CA CYS A 80 -4.76 -0.06 -31.06
C CYS A 80 -3.83 -1.24 -30.84
N ALA A 81 -4.35 -2.29 -30.21
CA ALA A 81 -3.59 -3.49 -29.94
C ALA A 81 -4.54 -4.67 -29.82
N ASP A 82 -4.09 -5.83 -30.31
CA ASP A 82 -4.88 -7.07 -30.26
C ASP A 82 -6.22 -6.92 -30.97
N ILE A 83 -6.29 -6.02 -31.94
CA ILE A 83 -7.53 -5.74 -32.66
C ILE A 83 -7.21 -5.55 -34.14
N ASP A 84 -7.88 -6.31 -35.00
CA ASP A 84 -7.77 -6.14 -36.44
C ASP A 84 -9.00 -5.40 -36.95
N ILE A 85 -8.77 -4.32 -37.69
CA ILE A 85 -9.86 -3.51 -38.20
C ILE A 85 -10.42 -4.14 -39.46
N ILE A 86 -11.74 -4.27 -39.53
CA ILE A 86 -12.39 -4.79 -40.73
C ILE A 86 -12.40 -3.73 -41.83
N THR A 87 -13.11 -2.63 -41.58
CA THR A 87 -13.08 -1.48 -42.48
C THR A 87 -13.17 -0.20 -41.65
N ALA A 88 -12.76 0.90 -42.27
CA ALA A 88 -12.74 2.19 -41.58
C ALA A 88 -12.93 3.30 -42.60
N SER A 89 -13.78 4.26 -42.27
CA SER A 89 -14.05 5.39 -43.15
C SER A 89 -14.28 6.64 -42.30
N TYR A 90 -13.93 7.78 -42.88
CA TYR A 90 -14.13 9.08 -42.24
C TYR A 90 -15.15 9.85 -43.07
N ALA A 91 -16.24 10.28 -42.45
CA ALA A 91 -17.28 11.04 -43.12
C ALA A 91 -17.34 12.45 -42.57
N PRO A 92 -16.79 13.45 -43.27
CA PRO A 92 -16.90 14.83 -42.80
C PRO A 92 -18.34 15.29 -42.77
N GLU A 93 -18.56 16.44 -42.12
CA GLU A 93 -19.90 16.94 -41.84
C GLU A 93 -20.69 17.16 -43.13
N GLY A 94 -21.70 16.32 -43.36
CA GLY A 94 -22.57 16.46 -44.50
C GLY A 94 -22.02 15.94 -45.82
N ASP A 95 -20.89 15.26 -45.80
CA ASP A 95 -20.27 14.75 -47.03
C ASP A 95 -20.26 13.22 -47.01
N GLU A 96 -19.89 12.66 -48.16
CA GLU A 96 -19.76 11.21 -48.27
C GLU A 96 -18.50 10.73 -47.57
N GLU A 97 -18.58 9.53 -46.99
CA GLU A 97 -17.44 8.97 -46.30
C GLU A 97 -16.35 8.57 -47.28
N ILE A 98 -15.11 8.69 -46.83
CA ILE A 98 -13.94 8.33 -47.62
C ILE A 98 -13.30 7.11 -46.95
N HIS A 99 -13.50 5.94 -47.55
CA HIS A 99 -12.96 4.72 -46.97
C HIS A 99 -11.44 4.75 -46.98
N ALA A 100 -10.86 4.24 -45.91
CA ALA A 100 -9.40 4.23 -45.76
C ALA A 100 -8.81 3.05 -46.53
N THR A 101 -7.87 3.33 -47.43
CA THR A 101 -7.19 2.30 -48.20
C THR A 101 -5.76 2.10 -47.73
N GLY A 102 -5.42 2.60 -46.54
CA GLY A 102 -4.09 2.44 -46.00
C GLY A 102 -4.10 2.09 -44.52
N PHE A 103 -3.67 0.88 -44.19
CA PHE A 103 -3.60 0.40 -42.81
C PHE A 103 -2.16 0.11 -42.43
N ASN A 104 -1.81 0.43 -41.18
CA ASN A 104 -0.43 0.29 -40.72
C ASN A 104 -0.46 -0.06 -39.23
N TYR A 105 -0.23 -1.34 -38.92
CA TYR A 105 -0.26 -1.83 -37.55
C TYR A 105 1.16 -1.87 -37.00
N GLN A 106 1.40 -1.13 -35.91
CA GLN A 106 2.69 -1.10 -35.24
C GLN A 106 2.49 -1.65 -33.83
N ASN A 107 2.84 -2.94 -33.65
CA ASN A 107 2.55 -3.60 -32.39
C ASN A 107 3.51 -3.17 -31.28
N GLU A 108 4.77 -2.85 -31.62
CA GLU A 108 5.72 -2.43 -30.60
C GLU A 108 5.31 -1.12 -29.94
N ASP A 109 4.66 -0.23 -30.69
CA ASP A 109 4.18 1.04 -30.16
C ASP A 109 2.68 1.03 -29.91
N GLU A 110 2.00 -0.05 -30.26
CA GLU A 110 0.55 -0.20 -30.04
C GLU A 110 -0.24 0.93 -30.70
N LYS A 111 0.25 1.42 -31.84
CA LYS A 111 -0.40 2.51 -32.56
C LYS A 111 -0.64 2.07 -34.00
N VAL A 112 -1.72 2.58 -34.58
CA VAL A 112 -2.12 2.25 -35.94
C VAL A 112 -2.38 3.54 -36.70
N THR A 113 -1.83 3.63 -37.91
CA THR A 113 -2.02 4.79 -38.78
C THR A 113 -3.02 4.44 -39.87
N LEU A 114 -4.07 5.25 -39.99
CA LEU A 114 -5.14 5.04 -40.96
C LEU A 114 -5.00 6.08 -42.07
N SER A 115 -4.45 5.66 -43.20
CA SER A 115 -4.24 6.56 -44.34
C SER A 115 -5.50 6.63 -45.19
N PHE A 116 -5.65 7.78 -45.88
CA PHE A 116 -6.81 8.04 -46.71
C PHE A 116 -6.37 8.57 -48.07
N PRO A 117 -7.19 8.36 -49.11
CA PRO A 117 -6.79 8.83 -50.45
C PRO A 117 -6.62 10.34 -50.55
N SER A 118 -7.56 11.11 -50.00
CA SER A 118 -7.53 12.56 -50.08
C SER A 118 -7.45 13.15 -48.68
N THR A 119 -7.00 14.42 -48.62
CA THR A 119 -6.89 15.12 -47.35
C THR A 119 -8.26 15.33 -46.73
N LEU A 120 -8.35 15.16 -45.41
CA LEU A 120 -9.62 15.26 -44.71
C LEU A 120 -10.04 16.71 -44.46
N GLN A 121 -9.10 17.64 -44.44
CA GLN A 121 -9.36 19.08 -44.31
C GLN A 121 -9.95 19.45 -42.95
N THR A 122 -9.82 20.71 -42.57
CA THR A 122 -10.28 21.17 -41.27
C THR A 122 -11.79 21.12 -41.19
N GLY A 123 -12.31 20.66 -40.05
CA GLY A 123 -13.74 20.59 -39.83
C GLY A 123 -14.07 19.45 -38.89
N THR A 124 -15.36 19.14 -38.83
CA THR A 124 -15.88 18.07 -37.99
C THR A 124 -16.33 16.90 -38.86
N GLY A 125 -16.03 15.69 -38.41
CA GLY A 125 -16.42 14.51 -39.15
C GLY A 125 -16.80 13.34 -38.25
N THR A 126 -17.01 12.17 -38.85
CA THR A 126 -17.40 10.97 -38.11
C THR A 126 -16.53 9.81 -38.59
N LEU A 127 -15.69 9.30 -37.71
CA LEU A 127 -14.84 8.15 -38.01
C LEU A 127 -15.60 6.88 -37.64
N LYS A 128 -15.92 6.07 -38.65
CA LYS A 128 -16.69 4.84 -38.47
C LYS A 128 -15.75 3.66 -38.64
N ILE A 129 -15.59 2.88 -37.57
CA ILE A 129 -14.64 1.76 -37.56
C ILE A 129 -15.33 0.56 -36.93
N ASP A 130 -15.52 -0.50 -37.71
CA ASP A 130 -15.90 -1.80 -37.18
C ASP A 130 -14.67 -2.68 -37.13
N PHE A 131 -14.62 -3.55 -36.11
CA PHE A 131 -13.41 -4.29 -35.83
C PHE A 131 -13.78 -5.55 -35.05
N VAL A 132 -12.75 -6.33 -34.71
CA VAL A 132 -12.92 -7.54 -33.91
C VAL A 132 -11.76 -7.62 -32.92
N GLY A 133 -12.04 -8.17 -31.75
CA GLY A 133 -11.04 -8.27 -30.70
C GLY A 133 -11.01 -9.62 -30.02
N GLU A 134 -10.27 -9.70 -28.92
CA GLU A 134 -10.11 -10.94 -28.17
C GLU A 134 -10.31 -10.67 -26.69
N LEU A 135 -11.09 -11.53 -26.02
CA LEU A 135 -11.20 -11.52 -24.56
C LEU A 135 -10.03 -12.32 -24.01
N ASN A 136 -8.87 -11.64 -23.93
CA ASN A 136 -7.62 -12.30 -23.62
C ASN A 136 -7.62 -12.86 -22.19
N ASP A 137 -6.54 -13.58 -21.87
CA ASP A 137 -6.33 -14.13 -20.53
C ASP A 137 -5.25 -13.37 -19.77
N LYS A 138 -4.91 -12.17 -20.22
CA LYS A 138 -3.87 -11.36 -19.59
C LYS A 138 -4.41 -10.41 -18.53
N MET A 139 -5.69 -10.52 -18.19
CA MET A 139 -6.33 -9.69 -17.15
C MET A 139 -6.20 -8.21 -17.46
N LYS A 140 -6.19 -7.85 -18.74
CA LYS A 140 -6.01 -6.46 -19.16
C LYS A 140 -6.93 -6.18 -20.35
N GLY A 141 -7.34 -4.93 -20.47
CA GLY A 141 -8.22 -4.55 -21.56
C GLY A 141 -9.60 -5.14 -21.35
N PHE A 142 -10.15 -5.73 -22.41
CA PHE A 142 -11.42 -6.45 -22.35
C PHE A 142 -11.09 -7.93 -22.35
N TYR A 143 -11.04 -8.52 -21.16
CA TYR A 143 -10.58 -9.89 -20.97
C TYR A 143 -11.68 -10.75 -20.37
N ARG A 144 -11.38 -12.04 -20.23
CA ARG A 144 -12.30 -13.01 -19.64
C ARG A 144 -11.94 -13.23 -18.18
N SER A 145 -12.98 -13.30 -17.32
CA SER A 145 -12.80 -13.48 -15.89
C SER A 145 -13.49 -14.78 -15.48
N LYS A 146 -12.69 -15.77 -15.09
CA LYS A 146 -13.22 -17.07 -14.72
C LYS A 146 -13.92 -16.99 -13.36
N TYR A 147 -15.19 -17.38 -13.32
CA TYR A 147 -15.94 -17.45 -12.08
C TYR A 147 -16.72 -18.75 -12.07
N THR A 148 -17.10 -19.18 -10.87
CA THR A 148 -17.83 -20.43 -10.66
C THR A 148 -19.20 -20.12 -10.08
N THR A 149 -20.23 -20.70 -10.67
CA THR A 149 -21.60 -20.57 -10.21
C THR A 149 -21.74 -21.16 -8.82
N PRO A 150 -22.84 -20.89 -8.09
CA PRO A 150 -23.00 -21.53 -6.76
C PRO A 150 -23.02 -23.05 -6.81
N SER A 151 -22.99 -23.65 -7.99
CA SER A 151 -22.89 -25.10 -8.15
C SER A 151 -21.56 -25.54 -8.76
N GLY A 152 -21.09 -24.83 -9.79
CA GLY A 152 -19.83 -25.15 -10.44
C GLY A 152 -19.81 -24.76 -11.89
N GLU A 153 -19.64 -25.73 -12.78
CA GLU A 153 -19.68 -25.56 -14.23
C GLU A 153 -18.52 -24.71 -14.75
N VAL A 154 -18.12 -23.68 -13.99
CA VAL A 154 -17.03 -22.78 -14.36
C VAL A 154 -17.40 -22.01 -15.62
N ARG A 155 -17.85 -20.77 -15.45
CA ARG A 155 -18.19 -19.89 -16.56
C ARG A 155 -17.17 -18.76 -16.65
N TYR A 156 -17.34 -17.91 -17.66
CA TYR A 156 -16.46 -16.77 -17.86
C TYR A 156 -17.30 -15.50 -18.02
N ALA A 157 -16.74 -14.39 -17.56
CA ALA A 157 -17.38 -13.08 -17.65
C ALA A 157 -16.50 -12.13 -18.45
N ALA A 158 -17.13 -11.10 -18.99
CA ALA A 158 -16.44 -10.08 -19.79
C ALA A 158 -16.18 -8.87 -18.89
N VAL A 159 -14.97 -8.81 -18.33
CA VAL A 159 -14.59 -7.77 -17.38
C VAL A 159 -13.54 -6.87 -18.04
N THR A 160 -13.57 -5.59 -17.68
CA THR A 160 -12.71 -4.58 -18.25
C THR A 160 -11.65 -4.12 -17.26
N GLN A 161 -10.55 -3.59 -17.81
CA GLN A 161 -9.46 -2.99 -17.04
C GLN A 161 -8.52 -2.28 -17.99
N PHE A 162 -8.56 -0.94 -18.00
CA PHE A 162 -7.86 -0.15 -19.01
C PHE A 162 -6.61 0.54 -18.50
N GLU A 163 -6.58 0.98 -17.25
CA GLU A 163 -5.39 1.60 -16.68
C GLU A 163 -4.23 0.60 -16.72
N ALA A 164 -3.10 0.99 -17.31
CA ALA A 164 -2.89 2.35 -17.79
C ALA A 164 -3.29 2.55 -19.25
N THR A 165 -2.75 1.73 -20.14
CA THR A 165 -2.90 1.90 -21.59
C THR A 165 -3.46 0.64 -22.22
N ASP A 166 -4.58 0.14 -21.68
CA ASP A 166 -5.20 -1.07 -22.19
C ASP A 166 -6.58 -0.83 -22.78
N ALA A 167 -7.03 0.43 -22.83
CA ALA A 167 -8.27 0.72 -23.55
C ALA A 167 -8.10 0.49 -25.04
N ARG A 168 -6.88 0.62 -25.56
CA ARG A 168 -6.59 0.36 -26.96
C ARG A 168 -6.76 -1.11 -27.33
N ARG A 169 -6.94 -2.00 -26.36
CA ARG A 169 -7.18 -3.40 -26.62
C ARG A 169 -8.66 -3.76 -26.64
N ALA A 170 -9.53 -2.86 -26.18
CA ALA A 170 -10.96 -3.06 -26.30
C ALA A 170 -11.53 -2.37 -27.53
N PHE A 171 -10.93 -1.25 -27.94
CA PHE A 171 -11.34 -0.50 -29.12
C PHE A 171 -10.25 0.50 -29.49
N PRO A 172 -10.03 0.76 -30.78
CA PRO A 172 -9.04 1.77 -31.17
C PRO A 172 -9.48 3.15 -30.72
N CYS A 173 -8.54 3.89 -30.12
CA CYS A 173 -8.87 5.19 -29.55
C CYS A 173 -7.57 5.97 -29.32
N TRP A 174 -7.74 7.26 -29.01
CA TRP A 174 -6.64 8.10 -28.57
C TRP A 174 -6.40 7.83 -27.09
N ASP A 175 -5.60 6.81 -26.81
CA ASP A 175 -5.46 6.27 -25.46
C ASP A 175 -4.40 7.06 -24.68
N GLU A 176 -4.78 8.29 -24.32
CA GLU A 176 -3.95 9.16 -23.50
C GLU A 176 -4.85 9.93 -22.55
N PRO A 177 -4.43 10.11 -21.29
CA PRO A 177 -5.31 10.74 -20.29
C PRO A 177 -5.70 12.17 -20.62
N ALA A 178 -4.86 12.92 -21.33
CA ALA A 178 -5.18 14.31 -21.63
C ALA A 178 -6.05 14.46 -22.87
N ILE A 179 -6.34 13.37 -23.58
CA ILE A 179 -7.19 13.43 -24.76
C ILE A 179 -8.58 12.95 -24.37
N LYS A 180 -9.34 13.82 -23.71
CA LYS A 180 -10.64 13.46 -23.15
C LYS A 180 -11.75 13.59 -24.18
N ALA A 181 -12.84 12.87 -23.94
CA ALA A 181 -14.01 12.86 -24.80
C ALA A 181 -15.15 12.21 -24.06
N THR A 182 -16.33 12.22 -24.69
CA THR A 182 -17.52 11.57 -24.16
C THR A 182 -17.69 10.20 -24.82
N PHE A 183 -18.43 9.33 -24.13
CA PHE A 183 -18.57 7.94 -24.55
C PHE A 183 -20.03 7.51 -24.52
N ASP A 184 -20.47 6.90 -25.63
CA ASP A 184 -21.79 6.27 -25.73
C ASP A 184 -21.56 4.77 -25.82
N ILE A 185 -21.76 4.07 -24.71
CA ILE A 185 -21.45 2.65 -24.60
C ILE A 185 -22.72 1.83 -24.82
N SER A 186 -22.62 0.82 -25.68
CA SER A 186 -23.70 -0.14 -25.91
C SER A 186 -23.14 -1.55 -25.85
N LEU A 187 -23.93 -2.48 -25.31
CA LEU A 187 -23.50 -3.86 -25.15
C LEU A 187 -24.61 -4.78 -25.57
N VAL A 188 -24.27 -5.80 -26.36
CA VAL A 188 -25.21 -6.83 -26.79
C VAL A 188 -24.90 -8.07 -25.96
N VAL A 189 -25.68 -8.28 -24.91
CA VAL A 189 -25.43 -9.35 -23.95
C VAL A 189 -26.64 -10.28 -23.97
N PRO A 190 -26.47 -11.51 -23.50
CA PRO A 190 -27.63 -12.40 -23.35
C PRO A 190 -28.62 -11.86 -22.33
N LYS A 191 -29.84 -12.40 -22.39
CA LYS A 191 -30.89 -11.94 -21.48
C LYS A 191 -30.59 -12.32 -20.04
N ASP A 192 -29.87 -13.41 -19.82
CA ASP A 192 -29.59 -13.92 -18.48
C ASP A 192 -28.24 -13.45 -17.95
N ARG A 193 -27.81 -12.25 -18.32
CA ARG A 193 -26.53 -11.73 -17.87
C ARG A 193 -26.61 -10.22 -17.70
N VAL A 194 -25.97 -9.73 -16.65
CA VAL A 194 -26.01 -8.31 -16.29
C VAL A 194 -24.93 -7.57 -17.06
N ALA A 195 -25.27 -6.39 -17.57
CA ALA A 195 -24.35 -5.54 -18.31
C ALA A 195 -24.30 -4.19 -17.61
N LEU A 196 -23.16 -3.87 -17.02
CA LEU A 196 -22.94 -2.60 -16.34
C LEU A 196 -21.92 -1.77 -17.09
N SER A 197 -21.90 -0.46 -16.81
CA SER A 197 -20.95 0.45 -17.42
C SER A 197 -20.82 1.68 -16.53
N ASN A 198 -20.22 2.73 -17.07
CA ASN A 198 -19.99 3.94 -16.29
C ASN A 198 -21.30 4.64 -15.93
N MET A 199 -22.22 4.74 -16.89
CA MET A 199 -23.47 5.46 -16.72
C MET A 199 -24.60 4.49 -16.39
N ASN A 200 -25.82 5.02 -16.32
CA ASN A 200 -27.02 4.22 -16.11
C ASN A 200 -27.58 3.74 -17.44
N VAL A 201 -28.39 2.69 -17.37
CA VAL A 201 -29.04 2.14 -18.56
C VAL A 201 -30.19 3.06 -18.97
N ILE A 202 -30.23 3.41 -20.25
CA ILE A 202 -31.30 4.25 -20.78
C ILE A 202 -32.21 3.49 -21.73
N ASP A 203 -31.77 2.37 -22.29
CA ASP A 203 -32.60 1.58 -23.20
C ASP A 203 -32.15 0.13 -23.14
N ARG A 204 -33.09 -0.77 -23.39
CA ARG A 204 -32.82 -2.21 -23.33
C ARG A 204 -33.68 -2.89 -24.40
N LYS A 205 -33.35 -2.61 -25.69
CA LYS A 205 -34.10 -3.16 -26.81
C LYS A 205 -33.52 -4.51 -27.23
N PRO A 206 -34.36 -5.42 -27.74
CA PRO A 206 -33.87 -6.74 -28.13
C PRO A 206 -33.00 -6.68 -29.38
N TYR A 207 -32.26 -7.77 -29.59
CA TYR A 207 -31.36 -7.89 -30.73
C TYR A 207 -32.07 -8.60 -31.88
N PRO A 208 -32.05 -8.04 -33.09
CA PRO A 208 -32.84 -8.65 -34.17
C PRO A 208 -32.25 -9.94 -34.70
N ASP A 209 -30.93 -10.01 -34.88
CA ASP A 209 -30.33 -11.20 -35.47
C ASP A 209 -30.31 -12.38 -34.51
N ASP A 210 -30.31 -12.12 -33.20
CA ASP A 210 -30.28 -13.17 -32.19
C ASP A 210 -31.35 -12.87 -31.15
N GLU A 211 -32.36 -13.74 -31.08
CA GLU A 211 -33.43 -13.56 -30.11
C GLU A 211 -32.91 -13.72 -28.68
N ASN A 212 -31.84 -14.49 -28.50
CA ASN A 212 -31.28 -14.73 -27.17
C ASN A 212 -30.46 -13.56 -26.64
N LEU A 213 -30.26 -12.52 -27.43
CA LEU A 213 -29.43 -11.39 -27.04
C LEU A 213 -30.28 -10.12 -26.95
N VAL A 214 -29.79 -9.17 -26.15
CA VAL A 214 -30.46 -7.89 -25.95
C VAL A 214 -29.40 -6.80 -25.92
N GLU A 215 -29.61 -5.74 -26.70
CA GLU A 215 -28.67 -4.62 -26.74
C GLU A 215 -28.99 -3.65 -25.61
N VAL A 216 -28.01 -3.43 -24.73
CA VAL A 216 -28.15 -2.53 -23.60
C VAL A 216 -27.35 -1.27 -23.89
N LYS A 217 -28.04 -0.13 -23.95
CA LYS A 217 -27.42 1.16 -24.23
C LYS A 217 -27.37 1.98 -22.95
N PHE A 218 -26.22 2.59 -22.69
CA PHE A 218 -26.01 3.41 -21.51
C PHE A 218 -26.03 4.89 -21.89
N ALA A 219 -26.21 5.74 -20.87
CA ALA A 219 -26.23 7.17 -21.09
C ALA A 219 -24.85 7.68 -21.49
N ARG A 220 -24.81 8.92 -21.95
CA ARG A 220 -23.56 9.54 -22.37
C ARG A 220 -22.75 9.97 -21.16
N THR A 221 -21.50 9.53 -21.11
CA THR A 221 -20.61 9.93 -20.04
C THR A 221 -20.23 11.41 -20.19
N PRO A 222 -19.77 12.04 -19.11
CA PRO A 222 -19.17 13.38 -19.26
C PRO A 222 -17.80 13.29 -19.92
N VAL A 223 -17.15 14.43 -20.10
CA VAL A 223 -15.81 14.46 -20.69
C VAL A 223 -14.85 13.75 -19.75
N MET A 224 -14.26 12.65 -20.21
CA MET A 224 -13.45 11.79 -19.35
C MET A 224 -12.32 11.18 -20.16
N SER A 225 -11.43 10.48 -19.45
CA SER A 225 -10.28 9.83 -20.06
C SER A 225 -10.61 8.39 -20.42
N THR A 226 -9.89 7.85 -21.40
CA THR A 226 -10.17 6.51 -21.89
C THR A 226 -9.85 5.44 -20.86
N TYR A 227 -8.83 5.65 -20.02
CA TYR A 227 -8.43 4.63 -19.06
C TYR A 227 -9.43 4.50 -17.91
N LEU A 228 -10.46 5.33 -17.86
CA LEU A 228 -11.48 5.25 -16.83
C LEU A 228 -12.81 4.71 -17.35
N VAL A 229 -12.93 4.45 -18.66
CA VAL A 229 -14.12 3.82 -19.19
C VAL A 229 -14.19 2.37 -18.70
N ALA A 230 -15.41 1.88 -18.48
CA ALA A 230 -15.58 0.53 -17.96
C ALA A 230 -16.90 -0.05 -18.44
N PHE A 231 -16.91 -1.39 -18.59
CA PHE A 231 -18.12 -2.14 -18.85
C PHE A 231 -17.85 -3.60 -18.50
N VAL A 232 -18.78 -4.22 -17.78
CA VAL A 232 -18.63 -5.60 -17.32
C VAL A 232 -19.89 -6.38 -17.69
N VAL A 233 -19.70 -7.63 -18.11
CA VAL A 233 -20.80 -8.51 -18.48
C VAL A 233 -20.66 -9.81 -17.69
N GLY A 234 -21.67 -10.12 -16.91
CA GLY A 234 -21.64 -11.34 -16.11
C GLY A 234 -22.90 -11.51 -15.30
N GLU A 235 -22.85 -12.45 -14.36
CA GLU A 235 -23.97 -12.77 -13.49
C GLU A 235 -23.66 -12.27 -12.09
N TYR A 236 -24.46 -11.31 -11.61
CA TYR A 236 -24.19 -10.69 -10.31
C TYR A 236 -25.50 -10.35 -9.62
N ASP A 237 -25.51 -10.53 -8.29
CA ASP A 237 -26.55 -10.01 -7.42
C ASP A 237 -26.10 -8.69 -6.81
N PHE A 238 -27.05 -7.94 -6.27
CA PHE A 238 -26.74 -6.59 -5.81
C PHE A 238 -27.57 -6.25 -4.58
N VAL A 239 -27.05 -5.28 -3.82
CA VAL A 239 -27.80 -4.60 -2.77
C VAL A 239 -27.69 -3.10 -3.03
N GLU A 240 -28.77 -2.38 -2.80
CA GLU A 240 -28.84 -0.97 -3.17
C GLU A 240 -29.25 -0.12 -1.97
N THR A 241 -28.85 1.16 -2.04
CA THR A 241 -29.26 2.15 -1.06
C THR A 241 -29.12 3.52 -1.71
N ARG A 242 -29.60 4.54 -1.01
CA ARG A 242 -29.54 5.92 -1.48
C ARG A 242 -28.74 6.75 -0.48
N SER A 243 -27.74 7.47 -0.97
CA SER A 243 -26.99 8.37 -0.12
C SER A 243 -27.78 9.63 0.15
N LYS A 244 -27.27 10.45 1.09
CA LYS A 244 -27.98 11.67 1.46
C LYS A 244 -28.05 12.65 0.30
N ASP A 245 -27.09 12.61 -0.63
CA ASP A 245 -27.13 13.46 -1.80
C ASP A 245 -28.19 13.02 -2.81
N GLY A 246 -28.75 11.82 -2.64
CA GLY A 246 -29.71 11.28 -3.58
C GLY A 246 -29.11 10.34 -4.62
N VAL A 247 -27.82 10.03 -4.52
CA VAL A 247 -27.15 9.19 -5.49
C VAL A 247 -27.48 7.73 -5.21
N CYS A 248 -27.82 6.98 -6.26
CA CYS A 248 -28.14 5.57 -6.13
C CYS A 248 -26.85 4.76 -5.99
N VAL A 249 -26.69 4.08 -4.87
CA VAL A 249 -25.49 3.29 -4.57
C VAL A 249 -25.85 1.81 -4.63
N ARG A 250 -25.00 1.02 -5.27
CA ARG A 250 -25.21 -0.41 -5.38
C ARG A 250 -23.87 -1.14 -5.19
N VAL A 251 -23.96 -2.33 -4.58
CA VAL A 251 -22.80 -3.20 -4.42
C VAL A 251 -23.14 -4.52 -5.09
N TYR A 252 -22.51 -4.79 -6.23
CA TYR A 252 -22.73 -6.01 -6.98
C TYR A 252 -21.80 -7.11 -6.47
N THR A 253 -22.37 -8.27 -6.19
CA THR A 253 -21.67 -9.41 -5.62
C THR A 253 -21.84 -10.63 -6.51
N PRO A 254 -21.03 -11.68 -6.32
CA PRO A 254 -21.28 -12.94 -7.02
C PRO A 254 -22.65 -13.50 -6.67
N VAL A 255 -23.14 -14.38 -7.53
CA VAL A 255 -24.48 -14.94 -7.42
C VAL A 255 -24.63 -15.68 -6.09
N GLY A 256 -25.44 -15.12 -5.20
CA GLY A 256 -25.70 -15.72 -3.90
C GLY A 256 -24.94 -15.12 -2.74
N LYS A 257 -24.33 -13.96 -2.91
CA LYS A 257 -23.55 -13.32 -1.85
C LYS A 257 -23.91 -11.85 -1.70
N ALA A 258 -25.16 -11.49 -1.97
CA ALA A 258 -25.58 -10.09 -1.88
C ALA A 258 -25.50 -9.56 -0.46
N GLU A 259 -25.74 -10.42 0.53
CA GLU A 259 -25.69 -9.99 1.93
C GLU A 259 -24.27 -9.65 2.36
N GLN A 260 -23.25 -10.19 1.70
CA GLN A 260 -21.87 -9.90 2.06
C GLN A 260 -21.46 -8.48 1.68
N GLY A 261 -22.13 -7.87 0.71
CA GLY A 261 -21.81 -6.53 0.29
C GLY A 261 -22.59 -5.46 1.03
N LYS A 262 -23.20 -5.83 2.16
CA LYS A 262 -23.99 -4.88 2.92
C LYS A 262 -23.10 -3.84 3.60
N PHE A 263 -21.97 -4.27 4.17
CA PHE A 263 -21.10 -3.33 4.87
C PHE A 263 -20.44 -2.35 3.89
N ALA A 264 -19.96 -2.86 2.75
CA ALA A 264 -19.39 -1.98 1.74
C ALA A 264 -20.43 -0.99 1.21
N LEU A 265 -21.71 -1.37 1.27
CA LEU A 265 -22.77 -0.48 0.80
C LEU A 265 -22.96 0.70 1.73
N GLU A 266 -23.06 0.45 3.04
CA GLU A 266 -23.27 1.54 3.99
C GLU A 266 -22.04 2.43 4.10
N VAL A 267 -20.84 1.87 3.87
CA VAL A 267 -19.63 2.69 3.89
C VAL A 267 -19.59 3.62 2.68
N ALA A 268 -19.92 3.07 1.49
CA ALA A 268 -19.97 3.90 0.30
C ALA A 268 -21.08 4.93 0.38
N ALA A 269 -22.19 4.60 1.05
CA ALA A 269 -23.29 5.53 1.19
C ALA A 269 -22.94 6.71 2.08
N LYS A 270 -22.01 6.52 3.02
CA LYS A 270 -21.52 7.61 3.84
C LYS A 270 -20.30 8.29 3.25
N THR A 271 -19.59 7.63 2.35
CA THR A 271 -18.36 8.19 1.79
C THR A 271 -18.66 9.33 0.83
N LEU A 272 -19.69 9.18 -0.01
CA LEU A 272 -20.02 10.23 -0.97
C LEU A 272 -20.37 11.56 -0.30
N PRO A 273 -21.22 11.61 0.73
CA PRO A 273 -21.47 12.91 1.38
C PRO A 273 -20.24 13.51 2.02
N PHE A 274 -19.28 12.68 2.45
CA PHE A 274 -18.06 13.21 3.05
C PHE A 274 -17.24 13.97 2.02
N TYR A 275 -16.95 13.33 0.88
CA TYR A 275 -16.20 14.01 -0.18
C TYR A 275 -17.01 15.14 -0.79
N LYS A 276 -18.33 15.06 -0.75
CA LYS A 276 -19.17 16.17 -1.20
C LYS A 276 -18.98 17.38 -0.30
N ASP A 277 -19.01 17.18 1.03
CA ASP A 277 -18.83 18.29 1.95
C ASP A 277 -17.39 18.80 1.93
N TYR A 278 -16.42 17.90 1.78
CA TYR A 278 -15.02 18.31 1.84
C TYR A 278 -14.61 19.09 0.59
N PHE A 279 -14.99 18.59 -0.58
CA PHE A 279 -14.67 19.25 -1.84
C PHE A 279 -15.66 20.37 -2.19
N ASN A 280 -16.81 20.42 -1.54
CA ASN A 280 -17.89 21.33 -1.91
C ASN A 280 -18.27 21.18 -3.37
N VAL A 281 -18.18 19.94 -3.87
CA VAL A 281 -18.52 19.60 -5.24
C VAL A 281 -19.34 18.32 -5.20
N PRO A 282 -20.54 18.29 -5.77
CA PRO A 282 -21.36 17.08 -5.71
C PRO A 282 -20.77 15.97 -6.57
N TYR A 283 -21.30 14.77 -6.37
CA TYR A 283 -20.85 13.62 -7.13
C TYR A 283 -21.20 13.82 -8.60
N PRO A 284 -20.23 13.72 -9.52
CA PRO A 284 -20.48 14.13 -10.91
C PRO A 284 -21.36 13.19 -11.71
N LEU A 285 -21.65 11.99 -11.21
CA LEU A 285 -22.41 11.00 -11.96
C LEU A 285 -23.76 10.73 -11.32
N PRO A 286 -24.71 10.16 -12.07
CA PRO A 286 -26.03 9.87 -11.48
C PRO A 286 -26.05 8.65 -10.58
N LYS A 287 -25.06 7.77 -10.65
CA LYS A 287 -25.06 6.55 -9.84
C LYS A 287 -23.63 6.08 -9.63
N ILE A 288 -23.42 5.34 -8.55
CA ILE A 288 -22.13 4.74 -8.23
C ILE A 288 -22.34 3.24 -8.02
N ASP A 289 -21.50 2.43 -8.64
CA ASP A 289 -21.57 0.98 -8.52
C ASP A 289 -20.23 0.42 -8.06
N LEU A 290 -20.29 -0.54 -7.14
CA LEU A 290 -19.12 -1.25 -6.65
C LEU A 290 -19.35 -2.74 -6.85
N ILE A 291 -18.61 -3.36 -7.76
CA ILE A 291 -18.81 -4.76 -8.13
C ILE A 291 -17.62 -5.58 -7.64
N ALA A 292 -17.92 -6.67 -6.94
CA ALA A 292 -16.90 -7.60 -6.48
C ALA A 292 -16.70 -8.70 -7.52
N ILE A 293 -15.45 -8.87 -7.95
CA ILE A 293 -15.12 -9.79 -9.02
C ILE A 293 -14.20 -10.88 -8.47
N ALA A 294 -14.47 -12.12 -8.87
CA ALA A 294 -13.65 -13.25 -8.42
C ALA A 294 -12.27 -13.19 -9.07
N ASP A 295 -11.24 -13.12 -8.22
CA ASP A 295 -9.85 -13.10 -8.68
C ASP A 295 -9.57 -11.93 -9.63
N PHE A 296 -9.97 -10.74 -9.20
CA PHE A 296 -9.68 -9.54 -9.97
C PHE A 296 -8.20 -9.20 -9.81
N ALA A 297 -7.43 -9.33 -10.90
CA ALA A 297 -5.99 -9.25 -10.81
C ALA A 297 -5.51 -7.86 -10.40
N ALA A 298 -6.17 -6.81 -10.91
CA ALA A 298 -5.74 -5.45 -10.63
C ALA A 298 -5.99 -5.02 -9.19
N GLY A 299 -6.73 -5.82 -8.42
CA GLY A 299 -7.02 -5.46 -7.04
C GLY A 299 -8.20 -4.52 -6.91
N ALA A 300 -8.05 -3.30 -7.42
CA ALA A 300 -9.11 -2.31 -7.39
C ALA A 300 -8.81 -1.25 -8.44
N MET A 301 -9.86 -0.84 -9.16
CA MET A 301 -9.73 0.17 -10.21
C MET A 301 -10.82 1.21 -10.03
N GLU A 302 -10.42 2.49 -10.06
CA GLU A 302 -11.34 3.60 -9.81
C GLU A 302 -12.16 4.00 -11.03
N ASN A 303 -12.70 3.04 -11.77
CA ASN A 303 -13.50 3.34 -12.95
C ASN A 303 -14.67 4.25 -12.58
N TRP A 304 -14.84 5.32 -13.36
CA TRP A 304 -15.82 6.35 -13.04
C TRP A 304 -17.24 5.80 -13.05
N GLY A 305 -17.82 5.59 -11.86
CA GLY A 305 -19.16 5.10 -11.73
C GLY A 305 -19.30 3.60 -11.61
N LEU A 306 -18.23 2.84 -11.89
CA LEU A 306 -18.27 1.37 -11.83
C LEU A 306 -16.93 0.89 -11.27
N VAL A 307 -16.75 1.09 -9.96
CA VAL A 307 -15.51 0.71 -9.29
C VAL A 307 -15.49 -0.81 -9.12
N THR A 308 -14.42 -1.44 -9.60
CA THR A 308 -14.26 -2.89 -9.53
C THR A 308 -13.31 -3.27 -8.41
N TYR A 309 -13.65 -4.33 -7.68
CA TYR A 309 -12.82 -4.87 -6.62
C TYR A 309 -12.69 -6.37 -6.79
N ARG A 310 -11.81 -6.96 -6.00
CA ARG A 310 -11.81 -8.41 -5.79
C ARG A 310 -12.66 -8.72 -4.56
N GLU A 311 -13.43 -9.80 -4.65
CA GLU A 311 -14.40 -10.11 -3.60
C GLU A 311 -13.74 -10.30 -2.25
N THR A 312 -12.47 -10.73 -2.23
CA THR A 312 -11.75 -10.89 -0.98
C THR A 312 -11.37 -9.57 -0.34
N ALA A 313 -11.60 -8.44 -1.03
CA ALA A 313 -11.29 -7.13 -0.49
C ALA A 313 -12.51 -6.23 -0.32
N LEU A 314 -13.65 -6.59 -0.91
CA LEU A 314 -14.86 -5.79 -0.81
C LEU A 314 -15.94 -6.43 0.06
N LEU A 315 -16.17 -7.73 -0.09
CA LEU A 315 -17.20 -8.41 0.67
C LEU A 315 -16.63 -8.96 1.97
N ILE A 316 -17.52 -9.16 2.94
CA ILE A 316 -17.14 -9.66 4.26
C ILE A 316 -17.87 -10.98 4.46
N ASP A 317 -17.13 -12.08 4.35
CA ASP A 317 -17.69 -13.41 4.58
C ASP A 317 -17.71 -13.69 6.08
N PRO A 318 -18.89 -13.81 6.69
CA PRO A 318 -18.95 -13.95 8.16
C PRO A 318 -18.25 -15.18 8.69
N LYS A 319 -18.01 -16.20 7.86
CA LYS A 319 -17.35 -17.43 8.29
C LYS A 319 -15.96 -17.58 7.67
N ASN A 320 -15.35 -16.48 7.23
CA ASN A 320 -14.04 -16.56 6.59
C ASN A 320 -13.26 -15.27 6.79
N SER A 321 -13.97 -14.16 7.01
CA SER A 321 -13.31 -12.87 7.19
C SER A 321 -12.62 -12.82 8.55
N CYS A 322 -11.91 -11.72 8.80
CA CYS A 322 -11.16 -11.53 10.04
C CYS A 322 -11.87 -10.49 10.90
N SER A 323 -11.11 -9.86 11.80
CA SER A 323 -11.66 -8.87 12.71
C SER A 323 -11.54 -7.45 12.14
N SER A 324 -10.36 -7.11 11.63
CA SER A 324 -10.13 -5.81 11.01
C SER A 324 -10.56 -5.76 9.56
N SER A 325 -11.32 -6.75 9.09
CA SER A 325 -11.78 -6.76 7.71
C SER A 325 -12.71 -5.58 7.44
N ARG A 326 -13.57 -5.24 8.41
CA ARG A 326 -14.44 -4.09 8.26
C ARG A 326 -13.64 -2.80 8.18
N GLN A 327 -12.45 -2.78 8.79
CA GLN A 327 -11.57 -1.61 8.67
C GLN A 327 -10.92 -1.56 7.28
N TRP A 328 -10.50 -2.71 6.75
CA TRP A 328 -9.89 -2.75 5.43
C TRP A 328 -10.90 -2.36 4.36
N VAL A 329 -12.16 -2.75 4.53
CA VAL A 329 -13.18 -2.41 3.55
C VAL A 329 -13.44 -0.92 3.54
N ALA A 330 -13.46 -0.29 4.72
CA ALA A 330 -13.69 1.15 4.79
C ALA A 330 -12.59 1.94 4.10
N LEU A 331 -11.36 1.43 4.14
CA LEU A 331 -10.24 2.13 3.50
C LEU A 331 -10.30 2.00 1.98
N VAL A 332 -10.53 0.78 1.48
CA VAL A 332 -10.51 0.58 0.03
C VAL A 332 -11.71 1.24 -0.64
N VAL A 333 -12.83 1.39 0.08
CA VAL A 333 -13.97 2.10 -0.49
C VAL A 333 -13.70 3.61 -0.51
N GLY A 334 -13.16 4.15 0.59
CA GLY A 334 -12.87 5.57 0.64
C GLY A 334 -11.76 5.99 -0.31
N HIS A 335 -10.87 5.06 -0.66
CA HIS A 335 -9.78 5.39 -1.58
C HIS A 335 -10.30 5.57 -3.00
N GLU A 336 -10.98 4.55 -3.53
CA GLU A 336 -11.43 4.61 -4.92
C GLU A 336 -12.54 5.64 -5.12
N LEU A 337 -13.40 5.83 -4.13
CA LEU A 337 -14.43 6.86 -4.24
C LEU A 337 -13.85 8.26 -4.20
N ALA A 338 -12.67 8.43 -3.61
CA ALA A 338 -11.99 9.72 -3.66
C ALA A 338 -11.54 10.05 -5.07
N HIS A 339 -11.20 9.02 -5.87
CA HIS A 339 -10.80 9.25 -7.25
C HIS A 339 -11.94 9.78 -8.11
N GLN A 340 -13.19 9.54 -7.71
CA GLN A 340 -14.33 10.05 -8.48
C GLN A 340 -14.29 11.57 -8.61
N TRP A 341 -13.62 12.25 -7.68
CA TRP A 341 -13.34 13.68 -7.80
C TRP A 341 -11.91 13.89 -8.26
N PHE A 342 -10.95 13.56 -7.40
CA PHE A 342 -9.54 13.78 -7.67
C PHE A 342 -8.99 12.58 -8.45
N GLY A 343 -8.91 12.74 -9.77
CA GLY A 343 -8.43 11.67 -10.62
C GLY A 343 -9.32 11.44 -11.83
N ASN A 344 -10.63 11.45 -11.61
CA ASN A 344 -11.62 11.26 -12.67
C ASN A 344 -12.26 12.56 -13.13
N LEU A 345 -12.66 13.42 -12.19
CA LEU A 345 -13.18 14.73 -12.58
C LEU A 345 -12.05 15.65 -13.04
N VAL A 346 -10.91 15.61 -12.34
CA VAL A 346 -9.69 16.28 -12.77
C VAL A 346 -8.62 15.21 -12.91
N THR A 347 -8.11 15.03 -14.13
CA THR A 347 -7.18 13.96 -14.44
C THR A 347 -5.78 14.52 -14.68
N MET A 348 -4.79 13.71 -14.33
CA MET A 348 -3.39 14.06 -14.59
C MET A 348 -3.16 14.36 -16.07
N GLU A 349 -2.26 15.31 -16.32
CA GLU A 349 -1.90 15.62 -17.70
C GLU A 349 -1.12 14.47 -18.34
N TRP A 350 -0.24 13.83 -17.58
CA TRP A 350 0.54 12.70 -18.06
C TRP A 350 0.84 11.78 -16.89
N TRP A 351 1.35 10.59 -17.21
CA TRP A 351 1.67 9.60 -16.19
C TRP A 351 2.78 10.05 -15.25
N THR A 352 3.47 11.16 -15.58
CA THR A 352 4.43 11.73 -14.64
C THR A 352 3.77 12.12 -13.33
N HIS A 353 2.52 12.55 -13.38
CA HIS A 353 1.79 13.00 -12.21
C HIS A 353 0.94 11.90 -11.58
N LEU A 354 1.23 10.63 -11.89
CA LEU A 354 0.46 9.54 -11.32
C LEU A 354 0.69 9.40 -9.82
N TRP A 355 1.89 9.74 -9.35
CA TRP A 355 2.17 9.68 -7.92
C TRP A 355 1.24 10.60 -7.14
N LEU A 356 0.94 11.78 -7.70
CA LEU A 356 0.08 12.73 -7.01
C LEU A 356 -1.37 12.25 -6.98
N ASN A 357 -1.81 11.59 -8.05
CA ASN A 357 -3.16 11.04 -8.08
C ASN A 357 -3.34 9.96 -7.01
N GLU A 358 -2.38 9.03 -6.94
CA GLU A 358 -2.49 7.95 -5.97
C GLU A 358 -2.07 8.39 -4.57
N GLY A 359 -1.11 9.31 -4.46
CA GLY A 359 -0.71 9.79 -3.15
C GLY A 359 -1.81 10.57 -2.45
N PHE A 360 -2.54 11.41 -3.21
CA PHE A 360 -3.65 12.15 -2.62
C PHE A 360 -4.74 11.20 -2.13
N ALA A 361 -5.14 10.26 -2.98
CA ALA A 361 -6.18 9.30 -2.58
C ALA A 361 -5.72 8.44 -1.41
N SER A 362 -4.42 8.08 -1.38
CA SER A 362 -3.91 7.29 -0.28
C SER A 362 -3.89 8.06 1.04
N TRP A 363 -3.95 9.38 0.98
CA TRP A 363 -3.99 10.19 2.20
C TRP A 363 -5.42 10.48 2.64
N ILE A 364 -6.27 10.94 1.72
CA ILE A 364 -7.61 11.36 2.07
C ILE A 364 -8.50 10.16 2.44
N GLU A 365 -8.09 8.95 2.06
CA GLU A 365 -8.85 7.77 2.46
C GLU A 365 -8.82 7.59 3.97
N TYR A 366 -7.67 7.89 4.59
CA TYR A 366 -7.60 7.84 6.05
C TYR A 366 -8.37 8.98 6.68
N LEU A 367 -8.41 10.15 6.02
CA LEU A 367 -9.19 11.26 6.52
C LEU A 367 -10.68 10.93 6.51
N CYS A 368 -11.13 10.17 5.49
CA CYS A 368 -12.53 9.80 5.41
C CYS A 368 -12.90 8.74 6.44
N VAL A 369 -12.03 7.73 6.62
CA VAL A 369 -12.32 6.67 7.57
C VAL A 369 -12.23 7.20 9.00
N ASP A 370 -11.28 8.11 9.26
CA ASP A 370 -11.16 8.67 10.61
C ASP A 370 -12.38 9.50 10.98
N HIS A 371 -13.03 10.13 10.00
CA HIS A 371 -14.21 10.93 10.27
C HIS A 371 -15.43 10.05 10.52
N CYS A 372 -15.63 9.02 9.71
CA CYS A 372 -16.77 8.14 9.88
C CYS A 372 -16.56 7.08 10.96
N PHE A 373 -15.30 6.77 11.30
CA PHE A 373 -14.97 5.75 12.30
C PHE A 373 -13.80 6.23 13.13
N PRO A 374 -14.05 7.14 14.08
CA PRO A 374 -12.95 7.61 14.94
C PRO A 374 -12.45 6.57 15.92
N GLU A 375 -13.21 5.49 16.16
CA GLU A 375 -12.78 4.45 17.08
C GLU A 375 -11.62 3.61 16.53
N TYR A 376 -11.23 3.82 15.27
CA TYR A 376 -10.10 3.09 14.73
C TYR A 376 -8.77 3.75 15.08
N ASP A 377 -8.76 5.06 15.30
CA ASP A 377 -7.54 5.85 15.40
C ASP A 377 -6.63 5.53 14.22
N ILE A 378 -7.19 5.72 13.03
CA ILE A 378 -6.59 5.20 11.81
C ILE A 378 -5.28 5.90 11.47
N TRP A 379 -5.03 7.10 12.00
CA TRP A 379 -3.80 7.80 11.67
C TRP A 379 -2.58 7.15 12.30
N THR A 380 -2.77 6.45 13.42
CA THR A 380 -1.65 5.70 14.00
C THR A 380 -1.24 4.56 13.08
N GLN A 381 -2.20 3.93 12.41
CA GLN A 381 -1.88 2.86 11.46
C GLN A 381 -1.30 3.41 10.16
N PHE A 382 -1.70 4.62 9.76
CA PHE A 382 -1.10 5.23 8.58
C PHE A 382 0.39 5.48 8.79
N VAL A 383 0.76 6.00 9.97
CA VAL A 383 2.17 6.23 10.27
C VAL A 383 2.91 4.90 10.30
N SER A 384 2.26 3.85 10.82
CA SER A 384 2.87 2.54 10.87
C SER A 384 2.98 1.88 9.50
N ALA A 385 2.17 2.32 8.53
CA ALA A 385 2.16 1.70 7.21
C ALA A 385 2.99 2.49 6.20
N ASP A 386 2.36 3.49 5.56
CA ASP A 386 3.01 4.19 4.47
C ASP A 386 4.17 5.05 4.96
N TYR A 387 4.01 5.70 6.11
CA TYR A 387 5.01 6.66 6.58
C TYR A 387 6.34 5.99 6.90
N THR A 388 6.31 5.00 7.80
CA THR A 388 7.55 4.35 8.21
C THR A 388 8.18 3.57 7.07
N ARG A 389 7.35 2.94 6.23
CA ARG A 389 7.90 2.20 5.09
C ARG A 389 8.56 3.14 4.09
N ALA A 390 8.04 4.35 3.94
CA ALA A 390 8.66 5.31 3.03
C ALA A 390 9.98 5.84 3.61
N GLN A 391 10.05 6.00 4.93
CA GLN A 391 11.29 6.49 5.53
C GLN A 391 12.39 5.43 5.49
N GLU A 392 12.02 4.15 5.48
CA GLU A 392 13.03 3.10 5.38
C GLU A 392 13.72 3.14 4.02
N LEU A 393 12.94 3.24 2.95
CA LEU A 393 13.52 3.22 1.60
C LEU A 393 14.24 4.52 1.28
N ASP A 394 13.70 5.65 1.76
CA ASP A 394 14.27 6.96 1.44
C ASP A 394 15.56 7.25 2.21
N ALA A 395 15.90 6.42 3.20
CA ALA A 395 17.12 6.59 3.96
C ALA A 395 18.25 5.68 3.50
N LEU A 396 18.00 4.82 2.52
CA LEU A 396 19.00 3.91 1.98
C LEU A 396 19.50 4.41 0.63
N ASP A 397 20.53 3.75 0.13
CA ASP A 397 21.09 4.09 -1.17
C ASP A 397 20.12 3.74 -2.29
N ASN A 398 20.43 4.22 -3.49
CA ASN A 398 19.68 3.92 -4.70
C ASN A 398 18.21 4.33 -4.59
N SER A 399 17.94 5.42 -3.88
CA SER A 399 16.61 5.99 -3.84
C SER A 399 16.42 6.96 -5.01
N HIS A 400 15.21 7.49 -5.15
CA HIS A 400 14.89 8.39 -6.24
C HIS A 400 13.81 9.35 -5.78
N PRO A 401 13.76 10.56 -6.36
CA PRO A 401 12.69 11.50 -5.99
C PRO A 401 11.32 10.98 -6.38
N ILE A 402 10.30 11.60 -5.77
CA ILE A 402 8.93 11.15 -6.01
C ILE A 402 8.54 11.36 -7.46
N GLU A 403 8.65 12.59 -7.94
CA GLU A 403 8.26 12.93 -9.29
C GLU A 403 9.43 12.69 -10.24
N VAL A 404 9.24 11.80 -11.20
CA VAL A 404 10.24 11.51 -12.24
C VAL A 404 9.55 11.63 -13.59
N SER A 405 10.21 12.32 -14.53
CA SER A 405 9.63 12.49 -15.85
C SER A 405 9.46 11.15 -16.55
N VAL A 406 8.25 10.88 -17.00
CA VAL A 406 7.90 9.61 -17.64
C VAL A 406 7.79 9.84 -19.15
N GLY A 407 8.73 9.27 -19.90
CA GLY A 407 8.63 9.30 -21.34
C GLY A 407 7.65 8.28 -21.86
N HIS A 408 8.14 7.06 -22.11
CA HIS A 408 7.25 5.99 -22.54
C HIS A 408 6.36 5.55 -21.39
N PRO A 409 5.10 5.22 -21.65
CA PRO A 409 4.21 4.78 -20.56
C PRO A 409 4.63 3.48 -19.90
N SER A 410 5.63 2.78 -20.46
CA SER A 410 6.17 1.61 -19.78
C SER A 410 7.14 1.99 -18.67
N GLU A 411 7.78 3.16 -18.79
CA GLU A 411 8.65 3.64 -17.72
C GLU A 411 7.90 3.82 -16.41
N VAL A 412 6.58 3.94 -16.46
CA VAL A 412 5.78 4.06 -15.24
C VAL A 412 6.09 2.90 -14.30
N ASP A 413 5.80 1.67 -14.75
CA ASP A 413 5.94 0.45 -13.95
C ASP A 413 7.33 0.29 -13.36
N GLU A 414 8.30 1.07 -13.84
CA GLU A 414 9.69 0.96 -13.40
C GLU A 414 10.04 1.95 -12.31
N ILE A 415 9.65 3.23 -12.45
CA ILE A 415 10.13 4.27 -11.55
C ILE A 415 9.13 4.64 -10.46
N PHE A 416 7.91 4.10 -10.47
CA PHE A 416 6.99 4.27 -9.36
C PHE A 416 6.99 2.98 -8.54
N ASP A 417 7.11 3.13 -7.22
CA ASP A 417 7.16 1.99 -6.32
C ASP A 417 6.61 2.38 -4.96
N ALA A 418 7.11 1.75 -3.90
CA ALA A 418 6.69 2.13 -2.56
C ALA A 418 7.16 3.51 -2.15
N ILE A 419 8.10 4.11 -2.88
CA ILE A 419 8.57 5.45 -2.55
C ILE A 419 7.59 6.50 -3.07
N SER A 420 7.22 6.42 -4.34
CA SER A 420 6.37 7.45 -4.93
C SER A 420 4.98 7.47 -4.32
N TYR A 421 4.50 6.33 -3.82
CA TYR A 421 3.14 6.27 -3.29
C TYR A 421 3.10 6.54 -1.79
N SER A 422 3.93 5.84 -1.02
CA SER A 422 3.91 6.01 0.44
C SER A 422 4.44 7.38 0.83
N LYS A 423 5.64 7.75 0.33
CA LYS A 423 6.14 9.09 0.58
C LYS A 423 5.28 10.14 -0.12
N GLY A 424 4.65 9.79 -1.24
CA GLY A 424 3.72 10.70 -1.87
C GLY A 424 2.55 11.04 -0.96
N ALA A 425 1.94 10.01 -0.36
CA ALA A 425 0.86 10.26 0.59
C ALA A 425 1.37 10.96 1.84
N SER A 426 2.64 10.74 2.21
CA SER A 426 3.18 11.33 3.43
C SER A 426 3.42 12.82 3.26
N VAL A 427 3.90 13.25 2.09
CA VAL A 427 4.15 14.67 1.88
C VAL A 427 2.84 15.43 1.70
N ILE A 428 1.79 14.75 1.23
CA ILE A 428 0.49 15.38 1.15
C ILE A 428 -0.07 15.64 2.54
N ARG A 429 0.10 14.68 3.45
CA ARG A 429 -0.33 14.87 4.83
C ARG A 429 0.43 16.01 5.49
N MET A 430 1.75 16.07 5.26
CA MET A 430 2.55 17.18 5.77
C MET A 430 2.09 18.50 5.16
N LEU A 431 1.69 18.49 3.90
CA LEU A 431 1.23 19.72 3.25
C LEU A 431 -0.13 20.15 3.81
N HIS A 432 -1.04 19.20 4.04
CA HIS A 432 -2.34 19.54 4.60
C HIS A 432 -2.20 20.16 5.99
N ASP A 433 -1.31 19.61 6.81
CA ASP A 433 -1.07 20.18 8.13
C ASP A 433 -0.41 21.55 8.03
N TYR A 434 0.49 21.72 7.06
CA TYR A 434 1.13 23.02 6.86
C TYR A 434 0.13 24.06 6.36
N ILE A 435 -0.80 23.66 5.50
CA ILE A 435 -1.82 24.58 5.00
C ILE A 435 -2.86 24.86 6.07
N GLY A 436 -3.32 23.81 6.75
CA GLY A 436 -4.47 23.92 7.62
C GLY A 436 -5.71 23.45 6.88
N ASP A 437 -6.60 22.75 7.57
CA ASP A 437 -7.75 22.14 6.89
C ASP A 437 -8.65 23.21 6.27
N LYS A 438 -8.67 24.42 6.83
CA LYS A 438 -9.51 25.48 6.30
C LYS A 438 -9.10 25.86 4.88
N ASP A 439 -7.87 26.35 4.72
CA ASP A 439 -7.40 26.76 3.40
C ASP A 439 -7.22 25.57 2.47
N PHE A 440 -6.98 24.38 3.01
CA PHE A 440 -6.79 23.21 2.16
C PHE A 440 -8.09 22.81 1.47
N LYS A 441 -9.22 22.87 2.21
CA LYS A 441 -10.51 22.63 1.58
C LYS A 441 -10.82 23.69 0.53
N LYS A 442 -10.48 24.94 0.82
CA LYS A 442 -10.75 26.02 -0.12
C LYS A 442 -9.94 25.87 -1.40
N GLY A 443 -8.66 25.50 -1.26
CA GLY A 443 -7.82 25.32 -2.45
C GLY A 443 -8.25 24.15 -3.30
N MET A 444 -8.75 23.08 -2.67
CA MET A 444 -9.20 21.93 -3.45
C MET A 444 -10.49 22.22 -4.20
N ASN A 445 -11.39 23.00 -3.59
CA ASN A 445 -12.59 23.42 -4.30
C ASN A 445 -12.25 24.30 -5.49
N MET A 446 -11.28 25.21 -5.31
CA MET A 446 -10.83 26.03 -6.43
C MET A 446 -10.17 25.17 -7.51
N TYR A 447 -9.43 24.14 -7.09
CA TYR A 447 -8.74 23.27 -8.04
C TYR A 447 -9.73 22.44 -8.84
N LEU A 448 -10.69 21.81 -8.17
CA LEU A 448 -11.62 20.92 -8.86
C LEU A 448 -12.54 21.69 -9.81
N THR A 449 -13.06 22.84 -9.36
CA THR A 449 -13.96 23.61 -10.21
C THR A 449 -13.25 24.22 -11.41
N LYS A 450 -11.95 24.49 -11.28
CA LYS A 450 -11.21 25.11 -12.37
C LYS A 450 -10.88 24.10 -13.47
N PHE A 451 -10.46 22.90 -13.10
CA PHE A 451 -10.02 21.89 -14.05
C PHE A 451 -11.04 20.75 -14.22
N GLN A 452 -12.29 20.98 -13.84
CA GLN A 452 -13.30 19.94 -13.98
C GLN A 452 -13.46 19.53 -15.43
N GLN A 453 -13.49 18.22 -15.68
CA GLN A 453 -13.53 17.65 -17.03
C GLN A 453 -12.35 18.13 -17.88
N LYS A 454 -11.21 18.40 -17.23
CA LYS A 454 -10.01 18.84 -17.91
C LYS A 454 -8.83 18.10 -17.29
N ASN A 455 -7.62 18.55 -17.60
CA ASN A 455 -6.41 17.93 -17.10
C ASN A 455 -5.52 18.98 -16.45
N ALA A 456 -4.69 18.53 -15.51
CA ALA A 456 -3.80 19.43 -14.78
C ALA A 456 -2.54 18.68 -14.39
N ALA A 457 -1.47 19.44 -14.17
CA ALA A 457 -0.20 18.89 -13.74
C ALA A 457 -0.04 19.10 -12.23
N THR A 458 1.12 18.69 -11.71
CA THR A 458 1.39 18.87 -10.28
C THR A 458 1.53 20.35 -9.93
N GLU A 459 2.11 21.14 -10.83
CA GLU A 459 2.29 22.56 -10.57
C GLU A 459 0.97 23.30 -10.52
N ASP A 460 -0.04 22.83 -11.25
CA ASP A 460 -1.35 23.44 -11.19
C ASP A 460 -2.00 23.29 -9.82
N LEU A 461 -1.71 22.18 -9.14
CA LEU A 461 -2.25 21.99 -7.79
C LEU A 461 -1.57 22.91 -6.80
N TRP A 462 -0.26 23.11 -6.93
CA TRP A 462 0.45 24.00 -6.02
C TRP A 462 -0.03 25.44 -6.17
N GLU A 463 -0.44 25.83 -7.38
CA GLU A 463 -0.93 27.19 -7.60
C GLU A 463 -2.28 27.40 -6.93
N SER A 464 -3.20 26.45 -7.11
CA SER A 464 -4.52 26.58 -6.49
C SER A 464 -4.43 26.59 -4.98
N LEU A 465 -3.50 25.81 -4.42
CA LEU A 465 -3.29 25.83 -2.98
C LEU A 465 -2.58 27.10 -2.53
N GLU A 466 -1.68 27.63 -3.37
CA GLU A 466 -0.99 28.87 -3.03
C GLU A 466 -1.94 30.07 -3.10
N ASN A 467 -2.90 30.04 -4.02
CA ASN A 467 -3.87 31.13 -4.10
C ASN A 467 -4.77 31.17 -2.88
N ALA A 468 -5.17 30.00 -2.37
CA ALA A 468 -6.09 29.95 -1.24
C ALA A 468 -5.40 30.14 0.10
N SER A 469 -4.10 29.88 0.19
CA SER A 469 -3.39 29.93 1.46
C SER A 469 -2.39 31.09 1.55
N GLY A 470 -1.89 31.59 0.44
CA GLY A 470 -0.88 32.62 0.48
C GLY A 470 0.49 32.16 0.93
N LYS A 471 0.73 30.83 0.98
CA LYS A 471 2.00 30.24 1.36
C LYS A 471 2.76 29.75 0.13
N PRO A 472 4.09 29.82 0.15
CA PRO A 472 4.86 29.39 -1.04
C PRO A 472 4.83 27.88 -1.24
N ILE A 473 3.73 27.36 -1.78
CA ILE A 473 3.54 25.92 -1.83
C ILE A 473 4.43 25.29 -2.89
N ALA A 474 4.54 25.94 -4.06
CA ALA A 474 5.36 25.38 -5.14
C ALA A 474 6.82 25.28 -4.72
N ALA A 475 7.33 26.28 -3.99
CA ALA A 475 8.72 26.27 -3.57
C ALA A 475 8.97 25.21 -2.50
N VAL A 476 8.05 25.08 -1.54
CA VAL A 476 8.23 24.10 -0.48
C VAL A 476 8.13 22.68 -1.02
N MET A 477 7.10 22.42 -1.84
CA MET A 477 6.88 21.07 -2.35
C MET A 477 7.92 20.63 -3.36
N ASN A 478 8.62 21.58 -4.01
CA ASN A 478 9.68 21.20 -4.92
C ASN A 478 10.84 20.53 -4.18
N THR A 479 11.11 20.95 -2.95
CA THR A 479 12.16 20.32 -2.16
C THR A 479 11.79 18.91 -1.73
N TRP A 480 10.51 18.57 -1.75
CA TRP A 480 10.06 17.24 -1.35
C TRP A 480 9.73 16.33 -2.54
N THR A 481 9.66 16.88 -3.74
CA THR A 481 9.32 16.11 -4.93
C THR A 481 10.43 16.01 -5.95
N LYS A 482 11.29 17.02 -6.06
CA LYS A 482 12.33 17.03 -7.07
C LYS A 482 13.65 16.42 -6.59
N GLN A 483 13.74 16.04 -5.32
CA GLN A 483 14.94 15.41 -4.80
C GLN A 483 14.57 14.26 -3.89
N MET A 484 15.50 13.33 -3.73
CA MET A 484 15.30 12.17 -2.88
C MET A 484 15.71 12.49 -1.44
N GLY A 485 15.44 11.54 -0.55
CA GLY A 485 15.84 11.66 0.84
C GLY A 485 14.94 12.58 1.63
N PHE A 486 15.15 12.55 2.94
CA PHE A 486 14.43 13.39 3.89
C PHE A 486 15.41 13.87 4.95
N PRO A 487 15.12 15.01 5.58
CA PRO A 487 16.06 15.58 6.54
C PRO A 487 15.93 15.00 7.94
N LEU A 488 17.01 15.15 8.71
CA LEU A 488 17.02 14.90 10.15
C LEU A 488 17.07 16.23 10.87
N ILE A 489 16.11 16.45 11.76
CA ILE A 489 15.99 17.72 12.48
C ILE A 489 16.53 17.50 13.89
N TYR A 490 17.65 18.12 14.20
CA TYR A 490 18.19 18.14 15.56
C TYR A 490 17.68 19.38 16.28
N VAL A 491 17.21 19.20 17.51
CA VAL A 491 16.64 20.29 18.30
C VAL A 491 17.28 20.29 19.68
N GLU A 492 17.62 21.48 20.17
CA GLU A 492 18.23 21.68 21.47
C GLU A 492 17.47 22.79 22.19
N ALA A 493 17.34 22.66 23.51
CA ALA A 493 16.51 23.55 24.30
C ALA A 493 17.32 24.26 25.38
N GLU A 494 16.99 25.52 25.60
CA GLU A 494 17.60 26.32 26.66
C GLU A 494 16.52 27.18 27.29
N GLN A 495 16.48 27.21 28.62
CA GLN A 495 15.47 27.96 29.35
C GLN A 495 15.91 29.43 29.46
N VAL A 496 15.11 30.32 28.88
CA VAL A 496 15.36 31.76 28.94
C VAL A 496 14.13 32.40 29.58
N GLU A 497 14.23 32.72 30.86
CA GLU A 497 13.13 33.31 31.65
C GLU A 497 11.98 32.31 31.60
N ASP A 498 10.75 32.72 31.28
CA ASP A 498 9.63 31.82 31.16
C ASP A 498 9.49 31.22 29.76
N ASP A 499 10.34 31.62 28.83
CA ASP A 499 10.36 31.07 27.49
C ASP A 499 11.46 30.01 27.38
N ARG A 500 11.39 29.22 26.31
CA ARG A 500 12.40 28.23 26.01
C ARG A 500 12.92 28.46 24.60
N LEU A 501 14.22 28.71 24.48
CA LEU A 501 14.86 28.90 23.19
C LEU A 501 15.17 27.54 22.57
N LEU A 502 14.78 27.36 21.32
CA LEU A 502 15.05 26.14 20.57
C LEU A 502 16.04 26.42 19.46
N ARG A 503 17.04 25.55 19.33
CA ARG A 503 18.04 25.64 18.27
C ARG A 503 17.87 24.43 17.37
N LEU A 504 17.45 24.68 16.12
CA LEU A 504 17.17 23.63 15.16
C LEU A 504 18.19 23.65 14.04
N SER A 505 18.54 22.45 13.55
CA SER A 505 19.42 22.30 12.41
C SER A 505 18.97 21.09 11.60
N GLN A 506 19.17 21.15 10.29
CA GLN A 506 18.73 20.10 9.40
C GLN A 506 19.92 19.55 8.59
N LYS A 507 19.84 18.26 8.30
CA LYS A 507 20.81 17.58 7.46
C LYS A 507 20.15 16.32 6.92
N LYS A 508 20.68 15.83 5.79
CA LYS A 508 20.11 14.65 5.18
C LYS A 508 20.33 13.45 6.09
N PHE A 509 19.24 12.72 6.35
CA PHE A 509 19.32 11.51 7.17
C PHE A 509 19.64 10.30 6.31
N CYS A 510 20.55 9.47 6.81
CA CYS A 510 20.90 8.20 6.18
C CYS A 510 20.92 7.12 7.24
N ALA A 511 20.46 5.93 6.87
CA ALA A 511 20.41 4.83 7.82
C ALA A 511 21.80 4.46 8.34
N GLY A 512 22.85 4.76 7.55
CA GLY A 512 24.20 4.43 7.99
C GLY A 512 24.80 5.42 8.97
N GLY A 513 24.37 6.66 8.91
CA GLY A 513 24.89 7.69 9.79
C GLY A 513 24.89 9.04 9.08
N SER A 514 25.93 9.82 9.34
CA SER A 514 26.05 11.13 8.71
C SER A 514 26.24 10.98 7.20
N TYR A 515 25.46 11.72 6.43
CA TYR A 515 25.48 11.61 4.98
C TYR A 515 26.82 12.09 4.44
N VAL A 516 27.52 11.21 3.73
CA VAL A 516 28.78 11.56 3.08
C VAL A 516 28.46 12.06 1.67
N GLY A 517 28.80 13.32 1.41
CA GLY A 517 28.48 13.95 0.14
C GLY A 517 28.51 15.45 0.26
N GLU A 518 29.04 16.14 -0.76
CA GLU A 518 29.28 17.57 -0.71
C GLU A 518 28.18 18.38 -1.40
N ASP A 519 27.08 17.73 -1.79
CA ASP A 519 25.95 18.48 -2.33
C ASP A 519 25.14 19.16 -1.24
N CYS A 520 25.08 18.54 -0.05
CA CYS A 520 24.39 19.07 1.13
C CYS A 520 22.94 19.40 0.81
N PRO A 521 22.07 18.40 0.71
CA PRO A 521 20.66 18.68 0.39
C PRO A 521 19.97 19.46 1.49
N GLN A 522 19.03 20.31 1.08
CA GLN A 522 18.26 21.14 1.99
C GLN A 522 16.78 21.03 1.67
N TRP A 523 15.96 21.10 2.70
CA TRP A 523 14.51 21.02 2.56
C TRP A 523 13.86 22.22 3.22
N MET A 524 12.72 22.62 2.67
CA MET A 524 11.83 23.60 3.33
C MET A 524 10.87 22.78 4.19
N VAL A 525 11.11 22.78 5.49
CA VAL A 525 10.49 21.84 6.41
C VAL A 525 9.45 22.59 7.25
N PRO A 526 8.15 22.37 7.01
CA PRO A 526 7.14 22.84 7.96
C PRO A 526 7.16 21.98 9.22
N ILE A 527 7.29 22.64 10.37
CA ILE A 527 7.45 21.96 11.66
C ILE A 527 6.35 22.42 12.60
N THR A 528 5.65 21.46 13.18
CA THR A 528 4.62 21.73 14.18
C THR A 528 5.15 21.32 15.55
N ILE A 529 5.07 22.24 16.51
CA ILE A 529 5.63 22.05 17.85
C ILE A 529 4.50 22.04 18.87
N SER A 530 4.61 21.13 19.84
CA SER A 530 3.64 21.03 20.91
C SER A 530 4.37 20.90 22.24
N THR A 531 3.68 21.29 23.32
CA THR A 531 4.20 21.21 24.67
C THR A 531 3.27 20.38 25.54
N SER A 532 3.73 20.08 26.75
CA SER A 532 2.94 19.29 27.68
C SER A 532 1.66 20.01 28.11
N GLU A 533 1.66 21.35 28.06
CA GLU A 533 0.47 22.10 28.43
C GLU A 533 -0.68 21.86 27.46
N ASP A 534 -0.37 21.50 26.21
CA ASP A 534 -1.40 21.26 25.19
C ASP A 534 -0.84 20.25 24.20
N PRO A 535 -0.83 18.97 24.56
CA PRO A 535 -0.16 17.97 23.72
C PRO A 535 -0.90 17.57 22.46
N ASN A 536 -2.15 18.01 22.27
CA ASN A 536 -2.93 17.61 21.11
C ASN A 536 -3.11 18.72 20.08
N GLN A 537 -2.64 19.93 20.36
CA GLN A 537 -2.72 21.02 19.40
C GLN A 537 -1.40 21.76 19.36
N ALA A 538 -1.20 22.48 18.25
CA ALA A 538 0.08 23.11 17.97
C ALA A 538 0.35 24.25 18.95
N LYS A 539 1.54 24.23 19.55
CA LYS A 539 2.04 25.40 20.27
C LYS A 539 2.57 26.45 19.30
N LEU A 540 3.21 26.01 18.22
CA LEU A 540 3.76 26.91 17.23
C LEU A 540 3.99 26.14 15.93
N LYS A 541 3.59 26.75 14.81
CA LYS A 541 3.87 26.22 13.47
C LYS A 541 4.89 27.12 12.80
N ILE A 542 5.93 26.51 12.23
CA ILE A 542 7.02 27.23 11.61
C ILE A 542 7.35 26.58 10.26
N LEU A 543 8.13 27.30 9.47
CA LEU A 543 8.67 26.79 8.21
C LEU A 543 10.18 27.00 8.23
N MET A 544 10.94 25.91 8.24
CA MET A 544 12.40 25.98 8.32
C MET A 544 12.96 26.01 6.91
N ASP A 545 13.29 27.21 6.43
CA ASP A 545 13.87 27.41 5.10
C ASP A 545 15.37 27.69 5.16
N LYS A 546 16.02 27.34 6.27
CA LYS A 546 17.43 27.57 6.47
C LYS A 546 18.07 26.31 7.03
N PRO A 547 19.38 26.12 6.82
CA PRO A 547 20.04 24.96 7.43
C PRO A 547 20.00 24.97 8.95
N GLU A 548 20.02 26.15 9.56
CA GLU A 548 19.90 26.30 11.00
C GLU A 548 18.92 27.43 11.30
N MET A 549 18.17 27.28 12.38
CA MET A 549 17.13 28.24 12.73
C MET A 549 16.87 28.19 14.21
N ASN A 550 16.62 29.35 14.81
CA ASN A 550 16.29 29.47 16.22
C ASN A 550 14.81 29.80 16.39
N VAL A 551 14.21 29.24 17.42
CA VAL A 551 12.78 29.41 17.70
C VAL A 551 12.60 29.64 19.18
N VAL A 552 11.74 30.60 19.54
CA VAL A 552 11.45 30.93 20.93
C VAL A 552 10.00 30.57 21.21
N LEU A 553 9.79 29.65 22.15
CA LEU A 553 8.45 29.27 22.58
C LEU A 553 8.09 30.10 23.81
N LYS A 554 7.10 30.98 23.67
CA LYS A 554 6.74 31.86 24.77
C LYS A 554 5.99 31.11 25.86
N ASN A 555 6.32 31.43 27.11
CA ASN A 555 5.62 30.93 28.29
C ASN A 555 5.67 29.40 28.34
N VAL A 556 6.88 28.87 28.43
CA VAL A 556 7.13 27.43 28.52
C VAL A 556 8.01 27.20 29.74
N LYS A 557 7.42 26.68 30.82
CA LYS A 557 8.15 26.48 32.06
C LYS A 557 9.09 25.29 31.93
N PRO A 558 10.17 25.26 32.72
CA PRO A 558 11.15 24.17 32.59
C PRO A 558 10.59 22.79 32.94
N ASP A 559 9.54 22.71 33.75
CA ASP A 559 8.94 21.43 34.09
C ASP A 559 8.09 20.84 32.97
N GLN A 560 7.91 21.57 31.88
CA GLN A 560 7.11 21.12 30.74
C GLN A 560 8.02 20.56 29.64
N TRP A 561 7.53 19.54 28.95
CA TRP A 561 8.27 18.96 27.85
C TRP A 561 7.82 19.56 26.52
N VAL A 562 8.70 19.50 25.54
CA VAL A 562 8.47 20.05 24.21
C VAL A 562 8.63 18.91 23.19
N LYS A 563 7.63 18.79 22.31
CA LYS A 563 7.59 17.72 21.31
C LYS A 563 7.55 18.34 19.93
N LEU A 564 8.54 17.99 19.10
CA LEU A 564 8.54 18.38 17.70
C LEU A 564 7.74 17.39 16.87
N ASN A 565 7.24 17.87 15.74
CA ASN A 565 6.49 17.06 14.78
C ASN A 565 5.24 16.46 15.44
N LEU A 566 4.32 17.36 15.79
CA LEU A 566 3.06 16.96 16.41
C LEU A 566 2.27 16.05 15.47
N GLY A 567 1.82 14.92 15.99
CA GLY A 567 1.09 13.96 15.18
C GLY A 567 1.91 13.23 14.16
N THR A 568 3.24 13.42 14.16
CA THR A 568 4.14 12.84 13.15
C THR A 568 3.63 13.13 11.74
N VAL A 569 3.25 14.39 11.52
CA VAL A 569 2.75 14.80 10.21
C VAL A 569 3.88 15.15 9.25
N GLY A 570 5.02 15.62 9.76
CA GLY A 570 6.12 16.00 8.90
C GLY A 570 6.97 14.79 8.53
N PHE A 571 7.41 14.75 7.27
CA PHE A 571 8.20 13.64 6.77
C PHE A 571 9.67 13.89 7.07
N TYR A 572 10.03 13.69 8.34
CA TYR A 572 11.41 13.84 8.78
C TYR A 572 11.55 13.14 10.13
N ARG A 573 12.80 12.86 10.49
CA ARG A 573 13.12 12.31 11.80
C ARG A 573 13.64 13.42 12.71
N THR A 574 13.34 13.29 14.00
CA THR A 574 13.72 14.27 15.00
C THR A 574 14.72 13.65 15.96
N GLN A 575 15.86 14.33 16.15
CA GLN A 575 16.85 13.95 17.13
C GLN A 575 16.82 14.95 18.27
N TYR A 576 16.33 14.51 19.43
CA TYR A 576 16.27 15.36 20.60
C TYR A 576 17.57 15.29 21.37
N SER A 577 17.91 16.40 22.05
CA SER A 577 19.03 16.38 22.96
C SER A 577 18.73 15.48 24.15
N SER A 578 19.78 15.15 24.90
CA SER A 578 19.60 14.28 26.07
C SER A 578 18.63 14.89 27.07
N ALA A 579 18.72 16.21 27.27
CA ALA A 579 17.82 16.87 28.22
C ALA A 579 16.38 16.86 27.72
N MET A 580 16.17 17.13 26.42
CA MET A 580 14.82 17.16 25.89
C MET A 580 14.18 15.77 25.90
N LEU A 581 14.98 14.74 25.62
CA LEU A 581 14.46 13.38 25.61
C LEU A 581 14.00 12.95 27.00
N GLU A 582 14.78 13.30 28.03
CA GLU A 582 14.39 12.97 29.40
C GLU A 582 13.11 13.71 29.81
N SER A 583 12.90 14.92 29.29
CA SER A 583 11.67 15.65 29.60
C SER A 583 10.45 14.96 29.01
N LEU A 584 10.62 14.24 27.90
CA LEU A 584 9.50 13.57 27.25
C LEU A 584 9.10 12.27 27.94
N LEU A 585 9.97 11.73 28.80
CA LEU A 585 9.67 10.45 29.45
C LEU A 585 8.38 10.48 30.25
N PRO A 586 8.07 11.50 31.07
CA PRO A 586 6.76 11.51 31.74
C PRO A 586 5.60 11.50 30.76
N GLY A 587 5.71 12.22 29.65
CA GLY A 587 4.64 12.23 28.67
C GLY A 587 4.34 10.86 28.09
N ILE A 588 5.38 10.03 27.93
CA ILE A 588 5.16 8.65 27.52
C ILE A 588 4.50 7.85 28.63
N ARG A 589 4.94 8.07 29.87
CA ARG A 589 4.49 7.22 30.97
C ARG A 589 3.03 7.50 31.34
N ASP A 590 2.65 8.77 31.40
CA ASP A 590 1.27 9.13 31.75
C ASP A 590 0.35 9.19 30.54
N LEU A 591 0.84 8.81 29.35
CA LEU A 591 0.08 8.73 28.12
C LEU A 591 -0.43 10.09 27.64
N SER A 592 0.03 11.19 28.22
CA SER A 592 -0.38 12.51 27.74
C SER A 592 0.14 12.76 26.33
N LEU A 593 1.30 12.21 25.99
CA LEU A 593 1.77 12.26 24.62
C LEU A 593 0.88 11.38 23.75
N PRO A 594 0.33 11.90 22.66
CA PRO A 594 -0.65 11.12 21.90
C PRO A 594 -0.02 9.86 21.33
N PRO A 595 -0.82 8.82 21.09
CA PRO A 595 -0.24 7.53 20.66
C PRO A 595 0.54 7.63 19.35
N VAL A 596 0.09 8.47 18.42
CA VAL A 596 0.83 8.61 17.16
C VAL A 596 2.19 9.28 17.41
N ASP A 597 2.27 10.15 18.43
CA ASP A 597 3.55 10.77 18.76
C ASP A 597 4.47 9.78 19.46
N ARG A 598 3.93 8.95 20.35
CA ARG A 598 4.75 7.91 20.99
C ARG A 598 5.25 6.91 19.95
N LEU A 599 4.44 6.63 18.93
CA LEU A 599 4.87 5.73 17.86
C LEU A 599 6.06 6.31 17.10
N GLY A 600 5.95 7.57 16.68
CA GLY A 600 7.03 8.17 15.91
C GLY A 600 8.29 8.40 16.72
N LEU A 601 8.13 8.77 17.99
CA LEU A 601 9.28 9.03 18.84
C LEU A 601 10.11 7.76 19.03
N GLN A 602 9.45 6.65 19.34
CA GLN A 602 10.16 5.39 19.50
C GLN A 602 10.80 4.94 18.20
N ASN A 603 10.10 5.12 17.07
CA ASN A 603 10.63 4.68 15.79
C ASN A 603 11.86 5.49 15.40
N ASP A 604 11.88 6.78 15.74
CA ASP A 604 13.05 7.60 15.43
C ASP A 604 14.25 7.19 16.29
N LEU A 605 14.02 6.82 17.55
CA LEU A 605 15.12 6.49 18.44
C LEU A 605 15.88 5.27 17.95
N PHE A 606 15.17 4.25 17.47
CA PHE A 606 15.84 3.04 16.99
C PHE A 606 16.63 3.31 15.72
N SER A 607 16.09 4.14 14.83
CA SER A 607 16.81 4.48 13.60
C SER A 607 18.07 5.27 13.90
N LEU A 608 17.99 6.22 14.85
CA LEU A 608 19.15 7.03 15.19
C LEU A 608 20.22 6.19 15.89
N ALA A 609 19.80 5.29 16.78
CA ALA A 609 20.77 4.42 17.45
C ALA A 609 21.43 3.47 16.46
N ARG A 610 20.64 2.92 15.53
CA ARG A 610 21.21 2.04 14.50
C ARG A 610 22.17 2.80 13.60
N ALA A 611 21.89 4.08 13.33
CA ALA A 611 22.76 4.90 12.50
C ALA A 611 23.98 5.42 13.24
N GLY A 612 24.10 5.14 14.53
CA GLY A 612 25.22 5.66 15.31
C GLY A 612 25.11 7.10 15.71
N ILE A 613 23.97 7.75 15.48
CA ILE A 613 23.82 9.14 15.84
C ILE A 613 23.60 9.29 17.35
N ILE A 614 22.86 8.36 17.95
CA ILE A 614 22.71 8.28 19.40
C ILE A 614 23.09 6.87 19.83
N SER A 615 23.22 6.70 21.14
CA SER A 615 23.59 5.40 21.69
C SER A 615 22.35 4.52 21.85
N THR A 616 22.58 3.20 21.77
CA THR A 616 21.48 2.26 21.98
C THR A 616 21.03 2.23 23.43
N VAL A 617 21.96 2.42 24.37
CA VAL A 617 21.61 2.45 25.79
C VAL A 617 20.57 3.54 26.06
N GLU A 618 20.73 4.70 25.41
CA GLU A 618 19.78 5.78 25.58
C GLU A 618 18.38 5.37 25.12
N VAL A 619 18.29 4.54 24.09
CA VAL A 619 17.00 4.07 23.62
C VAL A 619 16.41 3.06 24.60
N LEU A 620 17.26 2.18 25.15
CA LEU A 620 16.78 1.17 26.08
C LEU A 620 16.19 1.81 27.34
N LYS A 621 16.73 2.95 27.78
CA LYS A 621 16.19 3.62 28.96
C LYS A 621 14.81 4.19 28.69
N VAL A 622 14.50 4.50 27.44
CA VAL A 622 13.17 5.01 27.10
C VAL A 622 12.14 3.88 27.08
N MET A 623 12.57 2.66 26.75
CA MET A 623 11.64 1.53 26.68
C MET A 623 10.94 1.29 28.02
N GLU A 624 11.59 1.64 29.12
CA GLU A 624 10.99 1.43 30.44
C GLU A 624 9.83 2.38 30.69
N ALA A 625 9.72 3.47 29.92
CA ALA A 625 8.60 4.38 30.05
C ALA A 625 7.36 3.93 29.28
N PHE A 626 7.47 2.87 28.48
CA PHE A 626 6.34 2.35 27.70
C PHE A 626 5.58 1.26 28.43
N VAL A 627 5.86 1.02 29.71
CA VAL A 627 5.24 -0.08 30.44
C VAL A 627 3.73 0.09 30.57
N ASN A 628 3.22 1.32 30.43
CA ASN A 628 1.80 1.59 30.50
C ASN A 628 1.15 1.73 29.14
N GLU A 629 1.84 1.31 28.07
CA GLU A 629 1.33 1.53 26.72
C GLU A 629 0.12 0.64 26.45
N PRO A 630 -1.02 1.20 26.04
CA PRO A 630 -2.19 0.36 25.73
C PRO A 630 -2.42 0.15 24.25
N ASN A 631 -1.79 0.97 23.41
CA ASN A 631 -2.08 0.98 21.98
C ASN A 631 -1.41 -0.21 21.29
N TYR A 632 -2.18 -0.90 20.43
CA TYR A 632 -1.66 -2.08 19.75
C TYR A 632 -0.62 -1.70 18.70
N THR A 633 -0.85 -0.62 17.95
CA THR A 633 0.07 -0.24 16.89
C THR A 633 1.43 0.15 17.46
N VAL A 634 1.44 0.83 18.61
CA VAL A 634 2.70 1.20 19.23
C VAL A 634 3.47 -0.03 19.69
N TRP A 635 2.77 -0.99 20.31
CA TRP A 635 3.43 -2.22 20.74
C TRP A 635 3.92 -3.03 19.55
N SER A 636 3.16 -2.99 18.44
CA SER A 636 3.57 -3.71 17.24
C SER A 636 4.92 -3.21 16.74
N ASP A 637 5.09 -1.89 16.68
CA ASP A 637 6.38 -1.33 16.29
C ASP A 637 7.42 -1.48 17.39
N LEU A 638 7.00 -1.40 18.65
CA LEU A 638 7.92 -1.68 19.76
C LEU A 638 8.44 -3.11 19.68
N SER A 639 7.54 -4.08 19.50
CA SER A 639 7.95 -5.47 19.41
C SER A 639 8.85 -5.71 18.20
N CYS A 640 8.58 -5.02 17.09
CA CYS A 640 9.40 -5.20 15.90
C CYS A 640 10.81 -4.66 16.10
N ASN A 641 10.93 -3.46 16.66
CA ASN A 641 12.25 -2.89 16.88
C ASN A 641 13.05 -3.69 17.91
N LEU A 642 12.41 -4.09 19.00
CA LEU A 642 13.11 -4.89 20.00
C LEU A 642 13.48 -6.27 19.47
N GLY A 643 12.66 -6.81 18.56
CA GLY A 643 13.02 -8.08 17.94
C GLY A 643 14.26 -7.98 17.08
N ILE A 644 14.41 -6.88 16.36
CA ILE A 644 15.63 -6.66 15.58
C ILE A 644 16.84 -6.58 16.51
N LEU A 645 16.70 -5.89 17.64
CA LEU A 645 17.81 -5.76 18.56
C LEU A 645 18.12 -7.09 19.25
N SER A 646 17.08 -7.84 19.63
CA SER A 646 17.30 -9.12 20.30
C SER A 646 18.05 -10.09 19.40
N THR A 647 17.61 -10.24 18.15
CA THR A 647 18.33 -11.11 17.21
C THR A 647 19.72 -10.58 16.92
N LEU A 648 19.90 -9.25 16.93
CA LEU A 648 21.23 -8.68 16.77
C LEU A 648 22.13 -9.06 17.94
N LEU A 649 21.63 -8.89 19.17
CA LEU A 649 22.39 -9.22 20.36
C LEU A 649 22.50 -10.71 20.63
N SER A 650 21.89 -11.55 19.78
CA SER A 650 22.09 -12.99 19.91
C SER A 650 23.49 -13.41 19.48
N HIS A 651 24.20 -12.55 18.76
CA HIS A 651 25.59 -12.80 18.38
C HIS A 651 26.57 -12.54 19.53
N THR A 652 26.07 -12.06 20.67
CA THR A 652 26.92 -11.74 21.80
C THR A 652 26.83 -12.83 22.87
N ASP A 653 27.54 -12.61 23.97
CA ASP A 653 27.59 -13.56 25.07
C ASP A 653 26.65 -13.20 26.21
N PHE A 654 25.71 -12.27 25.98
CA PHE A 654 24.76 -11.86 27.01
C PHE A 654 23.34 -11.83 26.46
N TYR A 655 23.03 -12.75 25.55
CA TYR A 655 21.67 -12.82 24.99
C TYR A 655 20.63 -13.06 26.07
N GLU A 656 21.02 -13.71 27.17
CA GLU A 656 20.12 -13.86 28.30
C GLU A 656 19.76 -12.52 28.92
N GLU A 657 20.69 -11.56 28.88
CA GLU A 657 20.45 -10.27 29.54
C GLU A 657 19.44 -9.43 28.77
N ILE A 658 19.47 -9.49 27.44
CA ILE A 658 18.49 -8.72 26.66
C ILE A 658 17.12 -9.39 26.70
N GLN A 659 17.07 -10.72 26.82
CA GLN A 659 15.79 -11.40 26.99
C GLN A 659 15.15 -11.03 28.33
N GLU A 660 15.95 -10.94 29.38
CA GLU A 660 15.43 -10.48 30.67
C GLU A 660 14.93 -9.05 30.58
N PHE A 661 15.58 -8.22 29.76
CA PHE A 661 15.13 -6.85 29.56
C PHE A 661 13.79 -6.81 28.84
N VAL A 662 13.63 -7.66 27.81
CA VAL A 662 12.36 -7.69 27.08
C VAL A 662 11.22 -8.13 27.99
N LYS A 663 11.48 -9.09 28.87
CA LYS A 663 10.44 -9.55 29.79
C LYS A 663 9.95 -8.43 30.70
N ASP A 664 10.88 -7.59 31.18
CA ASP A 664 10.48 -6.49 32.05
C ASP A 664 9.63 -5.45 31.31
N VAL A 665 9.84 -5.30 30.00
CA VAL A 665 9.07 -4.31 29.26
C VAL A 665 7.66 -4.81 28.97
N PHE A 666 7.51 -6.10 28.67
CA PHE A 666 6.23 -6.67 28.29
C PHE A 666 5.47 -7.31 29.44
N SER A 667 6.06 -7.42 30.62
CA SER A 667 5.36 -8.02 31.76
C SER A 667 4.13 -7.23 32.18
N PRO A 668 4.20 -5.90 32.41
CA PRO A 668 3.00 -5.20 32.89
C PRO A 668 1.84 -5.24 31.89
N ILE A 669 2.11 -5.03 30.60
CA ILE A 669 1.03 -5.12 29.62
C ILE A 669 0.53 -6.55 29.49
N GLY A 670 1.41 -7.53 29.75
CA GLY A 670 0.97 -8.92 29.72
C GLY A 670 -0.02 -9.24 30.82
N GLU A 671 0.26 -8.77 32.04
CA GLU A 671 -0.66 -9.01 33.15
C GLU A 671 -1.97 -8.24 32.98
N ARG A 672 -1.90 -7.05 32.37
CA ARG A 672 -3.12 -6.27 32.14
C ARG A 672 -4.05 -6.98 31.18
N LEU A 673 -3.51 -7.53 30.08
CA LEU A 673 -4.36 -8.20 29.09
C LEU A 673 -4.81 -9.56 29.60
N GLY A 674 -3.94 -10.29 30.28
CA GLY A 674 -4.25 -11.63 30.69
C GLY A 674 -4.31 -12.60 29.52
N TRP A 675 -4.92 -13.75 29.77
CA TRP A 675 -5.03 -14.80 28.77
C TRP A 675 -6.42 -14.91 28.16
N ASP A 676 -7.46 -14.60 28.90
CA ASP A 676 -8.78 -14.76 28.34
C ASP A 676 -9.37 -13.41 27.96
N PRO A 677 -10.19 -13.37 26.91
CA PRO A 677 -10.85 -12.11 26.53
C PRO A 677 -11.77 -11.61 27.63
N LYS A 678 -11.62 -10.33 27.96
CA LYS A 678 -12.40 -9.68 29.00
C LYS A 678 -13.72 -9.17 28.43
N PRO A 679 -14.73 -8.96 29.28
CA PRO A 679 -16.06 -8.57 28.77
C PRO A 679 -16.02 -7.22 28.08
N GLY A 680 -16.32 -7.22 26.78
CA GLY A 680 -16.40 -5.99 26.03
C GLY A 680 -15.09 -5.54 25.43
N GLU A 681 -14.25 -6.48 25.02
CA GLU A 681 -12.99 -6.14 24.38
C GLU A 681 -13.21 -5.78 22.91
N GLY A 682 -12.19 -5.14 22.33
CA GLY A 682 -12.18 -4.87 20.91
C GLY A 682 -11.46 -5.97 20.14
N HIS A 683 -11.21 -5.69 18.87
CA HIS A 683 -10.46 -6.62 18.03
C HIS A 683 -8.96 -6.43 18.13
N LEU A 684 -8.52 -5.21 18.43
CA LEU A 684 -7.09 -4.97 18.61
C LEU A 684 -6.58 -5.55 19.93
N ASP A 685 -7.44 -5.59 20.95
CA ASP A 685 -7.02 -6.16 22.24
C ASP A 685 -6.75 -7.65 22.12
N ALA A 686 -7.47 -8.35 21.24
CA ALA A 686 -7.16 -9.75 20.98
C ALA A 686 -5.85 -9.89 20.21
N LEU A 687 -5.61 -8.98 19.25
CA LEU A 687 -4.34 -9.00 18.54
C LEU A 687 -3.18 -8.60 19.45
N LEU A 688 -3.40 -7.62 20.33
CA LEU A 688 -2.34 -7.19 21.23
C LEU A 688 -1.99 -8.28 22.23
N ARG A 689 -3.00 -9.04 22.69
CA ARG A 689 -2.72 -10.14 23.60
C ARG A 689 -1.85 -11.19 22.94
N GLY A 690 -2.11 -11.51 21.67
CA GLY A 690 -1.30 -12.49 20.97
C GLY A 690 0.14 -12.04 20.79
N LEU A 691 0.33 -10.76 20.46
CA LEU A 691 1.68 -10.24 20.27
C LEU A 691 2.46 -10.22 21.59
N VAL A 692 1.82 -9.77 22.67
CA VAL A 692 2.50 -9.67 23.96
C VAL A 692 2.84 -11.06 24.49
N LEU A 693 1.86 -11.98 24.46
CA LEU A 693 2.10 -13.32 24.98
C LEU A 693 3.17 -14.05 24.19
N GLY A 694 3.17 -13.88 22.86
CA GLY A 694 4.22 -14.47 22.05
C GLY A 694 5.59 -13.88 22.35
N LYS A 695 5.63 -12.58 22.64
CA LYS A 695 6.89 -11.93 22.99
C LYS A 695 7.42 -12.45 24.32
N LEU A 696 6.54 -12.51 25.33
CA LEU A 696 6.95 -13.04 26.63
C LEU A 696 7.29 -14.52 26.54
N GLY A 697 6.52 -15.28 25.76
CA GLY A 697 6.79 -16.70 25.64
C GLY A 697 8.13 -17.00 25.01
N LYS A 698 8.49 -16.25 23.95
CA LYS A 698 9.78 -16.45 23.32
C LYS A 698 10.92 -16.03 24.23
N ALA A 699 10.72 -14.96 25.00
CA ALA A 699 11.76 -14.46 25.91
C ALA A 699 11.94 -15.34 27.14
N GLY A 700 11.12 -16.37 27.32
CA GLY A 700 11.27 -17.28 28.44
C GLY A 700 10.53 -16.88 29.70
N HIS A 701 9.49 -16.06 29.60
CA HIS A 701 8.72 -15.68 30.77
C HIS A 701 8.07 -16.92 31.38
N LYS A 702 8.46 -17.22 32.63
CA LYS A 702 8.10 -18.49 33.24
C LYS A 702 6.59 -18.65 33.36
N ALA A 703 5.90 -17.62 33.87
CA ALA A 703 4.44 -17.69 34.01
C ALA A 703 3.76 -17.85 32.66
N THR A 704 4.29 -17.20 31.63
CA THR A 704 3.72 -17.34 30.29
C THR A 704 4.01 -18.72 29.71
N LEU A 705 5.23 -19.24 29.92
CA LEU A 705 5.57 -20.56 29.41
C LEU A 705 4.74 -21.64 30.08
N GLU A 706 4.51 -21.53 31.39
CA GLU A 706 3.74 -22.53 32.11
C GLU A 706 2.28 -22.56 31.62
N GLU A 707 1.66 -21.39 31.48
CA GLU A 707 0.27 -21.34 31.04
C GLU A 707 0.13 -21.82 29.60
N ALA A 708 1.09 -21.47 28.74
CA ALA A 708 1.04 -21.92 27.35
C ALA A 708 1.11 -23.44 27.24
N ARG A 709 1.82 -24.08 28.15
CA ARG A 709 1.87 -25.55 28.15
C ARG A 709 0.56 -26.15 28.63
N ARG A 710 -0.15 -25.45 29.53
CA ARG A 710 -1.48 -25.90 29.93
C ARG A 710 -2.45 -25.88 28.75
N ARG A 711 -2.47 -24.76 28.02
CA ARG A 711 -3.36 -24.64 26.88
C ARG A 711 -3.00 -25.63 25.78
N PHE A 712 -1.69 -25.84 25.55
CA PHE A 712 -1.26 -26.72 24.47
C PHE A 712 -1.55 -28.18 24.79
N LYS A 713 -1.33 -28.59 26.03
CA LYS A 713 -1.61 -29.98 26.39
C LYS A 713 -3.11 -30.26 26.46
N ASP A 714 -3.91 -29.24 26.76
CA ASP A 714 -5.36 -29.40 26.69
C ASP A 714 -5.88 -29.27 25.27
N HIS A 715 -5.10 -28.67 24.36
CA HIS A 715 -5.52 -28.56 22.97
C HIS A 715 -5.27 -29.86 22.20
N VAL A 716 -4.14 -30.52 22.47
CA VAL A 716 -3.81 -31.75 21.75
C VAL A 716 -4.55 -32.97 22.28
N GLU A 717 -5.03 -32.91 23.53
CA GLU A 717 -5.77 -34.02 24.12
C GLU A 717 -7.27 -33.89 23.92
N GLY A 718 -7.73 -32.94 23.09
CA GLY A 718 -9.14 -32.76 22.85
C GLY A 718 -9.94 -32.37 24.07
N LYS A 719 -9.31 -31.77 25.07
CA LYS A 719 -10.04 -31.39 26.28
C LYS A 719 -10.69 -30.02 26.11
N GLN A 720 -9.98 -29.08 25.49
CA GLN A 720 -10.53 -27.76 25.21
C GLN A 720 -9.64 -27.12 24.15
N ILE A 721 -10.15 -27.04 22.92
CA ILE A 721 -9.37 -26.45 21.82
C ILE A 721 -9.16 -24.97 22.09
N LEU A 722 -7.91 -24.52 22.00
CA LEU A 722 -7.60 -23.13 22.27
C LEU A 722 -8.05 -22.23 21.12
N SER A 723 -8.17 -20.95 21.43
CA SER A 723 -8.64 -19.98 20.44
C SER A 723 -7.65 -19.82 19.31
N ALA A 724 -8.15 -19.33 18.17
CA ALA A 724 -7.29 -19.04 17.03
C ALA A 724 -6.41 -17.84 17.28
N ASP A 725 -6.78 -16.96 18.21
CA ASP A 725 -5.95 -15.80 18.55
C ASP A 725 -4.76 -16.19 19.42
N LEU A 726 -4.93 -17.17 20.30
CA LEU A 726 -3.86 -17.65 21.15
C LEU A 726 -3.06 -18.79 20.52
N ARG A 727 -3.44 -19.22 19.31
CA ARG A 727 -2.86 -20.42 18.74
C ARG A 727 -1.40 -20.20 18.33
N SER A 728 -1.13 -19.14 17.58
CA SER A 728 0.25 -18.87 17.17
C SER A 728 1.20 -18.59 18.33
N PRO A 729 0.85 -17.77 19.34
CA PRO A 729 1.80 -17.58 20.44
C PRO A 729 2.06 -18.84 21.25
N VAL A 730 1.02 -19.65 21.49
CA VAL A 730 1.21 -20.90 22.24
C VAL A 730 2.13 -21.84 21.47
N TYR A 731 1.92 -21.96 20.16
CA TYR A 731 2.76 -22.83 19.34
C TYR A 731 4.22 -22.39 19.39
N LEU A 732 4.47 -21.09 19.23
CA LEU A 732 5.83 -20.57 19.29
C LEU A 732 6.48 -20.86 20.64
N THR A 733 5.72 -20.70 21.73
CA THR A 733 6.30 -20.82 23.06
C THR A 733 6.64 -22.27 23.40
N VAL A 734 5.69 -23.18 23.20
CA VAL A 734 5.92 -24.57 23.57
C VAL A 734 6.94 -25.24 22.65
N LEU A 735 7.12 -24.73 21.44
CA LEU A 735 8.06 -25.36 20.51
C LEU A 735 9.49 -24.87 20.76
N LYS A 736 9.66 -23.59 21.08
CA LYS A 736 11.00 -23.08 21.38
C LYS A 736 11.55 -23.71 22.66
N HIS A 737 10.70 -23.88 23.68
CA HIS A 737 11.11 -24.45 24.95
C HIS A 737 10.79 -25.93 25.06
N GLY A 738 10.44 -26.57 23.94
CA GLY A 738 10.15 -27.99 23.92
C GLY A 738 11.29 -28.81 23.36
N ASP A 739 10.97 -30.06 23.02
CA ASP A 739 11.98 -30.98 22.50
C ASP A 739 11.49 -31.69 21.25
N GLY A 740 12.02 -32.89 20.99
CA GLY A 740 11.58 -33.65 19.83
C GLY A 740 10.16 -34.16 19.96
N THR A 741 9.69 -34.36 21.20
CA THR A 741 8.30 -34.75 21.40
C THR A 741 7.35 -33.62 21.00
N THR A 742 7.70 -32.38 21.36
CA THR A 742 6.86 -31.24 20.99
C THR A 742 6.83 -31.05 19.48
N LEU A 743 7.95 -31.26 18.81
CA LEU A 743 7.99 -31.11 17.36
C LEU A 743 7.13 -32.16 16.67
N ASP A 744 7.18 -33.41 17.15
CA ASP A 744 6.36 -34.47 16.56
C ASP A 744 4.88 -34.17 16.74
N ILE A 745 4.49 -33.54 17.85
CA ILE A 745 3.09 -33.18 18.05
C ILE A 745 2.66 -32.14 17.03
N MET A 746 3.50 -31.13 16.79
CA MET A 746 3.17 -30.11 15.80
C MET A 746 3.08 -30.69 14.41
N LEU A 747 4.01 -31.60 14.07
CA LEU A 747 3.94 -32.27 12.77
C LEU A 747 2.70 -33.13 12.65
N LYS A 748 2.27 -33.75 13.76
CA LYS A 748 1.01 -34.48 13.74
C LYS A 748 -0.18 -33.54 13.58
N LEU A 749 -0.09 -32.34 14.16
CA LEU A 749 -1.15 -31.36 13.98
C LEU A 749 -1.21 -30.82 12.57
N HIS A 750 -0.09 -30.85 11.83
CA HIS A 750 -0.05 -30.32 10.47
C HIS A 750 -0.47 -31.35 9.43
N LYS A 751 0.09 -32.56 9.50
CA LYS A 751 -0.30 -33.61 8.57
C LYS A 751 -1.75 -34.02 8.75
N GLN A 752 -2.31 -33.80 9.94
CA GLN A 752 -3.72 -34.05 10.23
C GLN A 752 -4.57 -32.79 10.13
N ALA A 753 -3.96 -31.62 9.97
CA ALA A 753 -4.70 -30.37 9.89
C ALA A 753 -5.77 -30.44 8.81
N ASP A 754 -6.96 -29.94 9.16
CA ASP A 754 -8.10 -30.03 8.25
C ASP A 754 -7.96 -29.06 7.09
N MET A 755 -7.79 -27.77 7.39
CA MET A 755 -7.74 -26.74 6.38
C MET A 755 -6.30 -26.30 6.11
N GLN A 756 -6.15 -25.45 5.09
CA GLN A 756 -4.83 -24.91 4.75
C GLN A 756 -4.41 -23.80 5.70
N GLU A 757 -5.36 -23.02 6.21
CA GLU A 757 -5.03 -21.94 7.13
C GLU A 757 -4.36 -22.46 8.40
N GLU A 758 -4.85 -23.58 8.93
CA GLU A 758 -4.22 -24.17 10.11
C GLU A 758 -2.82 -24.67 9.80
N LYS A 759 -2.57 -25.11 8.57
CA LYS A 759 -1.24 -25.55 8.19
C LYS A 759 -0.26 -24.38 8.16
N ASN A 760 -0.66 -23.26 7.57
CA ASN A 760 0.22 -22.10 7.49
C ASN A 760 0.55 -21.56 8.87
N ARG A 761 -0.38 -21.63 9.81
CA ARG A 761 -0.11 -21.16 11.17
C ARG A 761 0.95 -22.02 11.84
N ILE A 762 1.09 -23.28 11.43
CA ILE A 762 2.12 -24.15 11.97
C ILE A 762 3.43 -23.98 11.22
N GLU A 763 3.36 -23.79 9.89
CA GLU A 763 4.58 -23.69 9.09
C GLU A 763 5.41 -22.48 9.48
N ARG A 764 4.76 -21.38 9.91
CA ARG A 764 5.51 -20.20 10.30
C ARG A 764 6.22 -20.38 11.64
N VAL A 765 5.66 -21.21 12.53
CA VAL A 765 6.18 -21.35 13.89
C VAL A 765 7.08 -22.57 14.05
N LEU A 766 7.20 -23.42 13.03
CA LEU A 766 8.03 -24.62 13.16
C LEU A 766 9.50 -24.27 13.37
N GLY A 767 9.96 -23.15 12.83
CA GLY A 767 11.34 -22.75 13.00
C GLY A 767 11.71 -22.30 14.39
N ALA A 768 10.77 -22.30 15.33
CA ALA A 768 11.07 -21.84 16.68
C ALA A 768 11.86 -22.87 17.47
N THR A 769 11.93 -24.12 16.99
CA THR A 769 12.69 -25.13 17.70
C THR A 769 14.17 -24.77 17.72
N LEU A 770 14.84 -25.13 18.82
CA LEU A 770 16.22 -24.73 19.04
C LEU A 770 17.22 -25.86 18.89
N LEU A 771 16.78 -27.12 18.98
CA LEU A 771 17.71 -28.22 18.92
C LEU A 771 18.19 -28.44 17.48
N PRO A 772 19.49 -28.67 17.27
CA PRO A 772 20.01 -28.72 15.89
C PRO A 772 19.41 -29.81 15.04
N ASP A 773 19.23 -31.02 15.58
CA ASP A 773 18.65 -32.10 14.79
C ASP A 773 17.18 -31.84 14.48
N LEU A 774 16.47 -31.14 15.36
CA LEU A 774 15.10 -30.75 15.04
C LEU A 774 15.04 -29.64 14.01
N ILE A 775 16.01 -28.72 14.04
CA ILE A 775 16.08 -27.66 13.03
C ILE A 775 16.29 -28.27 11.65
N GLN A 776 17.21 -29.22 11.54
CA GLN A 776 17.40 -29.92 10.27
C GLN A 776 16.16 -30.70 9.86
N LYS A 777 15.41 -31.22 10.84
CA LYS A 777 14.18 -31.93 10.51
C LYS A 777 13.12 -30.98 9.97
N VAL A 778 13.08 -29.74 10.47
CA VAL A 778 12.12 -28.76 9.97
C VAL A 778 12.51 -28.31 8.57
N LEU A 779 13.81 -28.12 8.32
CA LEU A 779 14.26 -27.71 7.00
C LEU A 779 13.97 -28.77 5.95
N THR A 780 14.21 -30.05 6.28
CA THR A 780 13.84 -31.13 5.38
C THR A 780 12.33 -31.20 5.19
N PHE A 781 11.57 -30.90 6.25
CA PHE A 781 10.12 -30.89 6.16
C PHE A 781 9.62 -29.80 5.21
N ALA A 782 10.41 -28.74 5.01
CA ALA A 782 9.99 -27.66 4.13
C ALA A 782 9.93 -28.11 2.68
N LEU A 783 10.87 -28.95 2.25
CA LEU A 783 10.92 -29.43 0.89
C LEU A 783 10.20 -30.76 0.69
N SER A 784 9.47 -31.24 1.70
CA SER A 784 8.75 -32.49 1.59
C SER A 784 7.45 -32.30 0.81
N GLU A 785 6.82 -33.43 0.46
CA GLU A 785 5.55 -33.39 -0.26
C GLU A 785 4.42 -32.84 0.60
N GLU A 786 4.57 -32.86 1.93
CA GLU A 786 3.52 -32.37 2.80
C GLU A 786 3.40 -30.84 2.72
N VAL A 787 4.47 -30.15 2.39
CA VAL A 787 4.47 -28.69 2.28
C VAL A 787 4.41 -28.31 0.82
N ARG A 788 3.49 -27.41 0.47
CA ARG A 788 3.39 -26.93 -0.88
C ARG A 788 4.53 -25.97 -1.19
N PRO A 789 5.02 -25.95 -2.43
CA PRO A 789 6.24 -25.18 -2.74
C PRO A 789 6.13 -23.69 -2.43
N GLN A 790 4.96 -23.09 -2.63
CA GLN A 790 4.81 -21.67 -2.36
C GLN A 790 4.88 -21.34 -0.87
N ASP A 791 4.69 -22.34 0.00
CA ASP A 791 4.80 -22.14 1.44
C ASP A 791 6.12 -22.65 2.01
N THR A 792 7.03 -23.14 1.16
CA THR A 792 8.30 -23.66 1.65
C THR A 792 9.17 -22.53 2.21
N VAL A 793 9.14 -21.35 1.57
CA VAL A 793 9.95 -20.23 2.03
C VAL A 793 9.49 -19.76 3.40
N SER A 794 8.20 -19.94 3.72
CA SER A 794 7.72 -19.54 5.05
C SER A 794 8.31 -20.44 6.14
N VAL A 795 8.44 -21.74 5.86
CA VAL A 795 9.02 -22.66 6.83
C VAL A 795 10.49 -22.34 7.06
N ILE A 796 11.25 -22.20 5.96
CA ILE A 796 12.67 -21.87 6.08
C ILE A 796 12.84 -20.47 6.68
N GLY A 797 11.91 -19.56 6.40
CA GLY A 797 12.00 -18.24 7.00
C GLY A 797 11.86 -18.26 8.50
N GLY A 798 10.95 -19.09 9.01
CA GLY A 798 10.81 -19.23 10.46
C GLY A 798 12.03 -19.86 11.11
N VAL A 799 12.77 -20.68 10.36
CA VAL A 799 13.99 -21.26 10.90
C VAL A 799 15.08 -20.20 11.03
N ALA A 800 15.23 -19.34 10.01
CA ALA A 800 16.26 -18.31 10.06
C ALA A 800 15.98 -17.30 11.16
N GLY A 801 14.71 -16.99 11.40
CA GLY A 801 14.33 -16.07 12.45
C GLY A 801 14.15 -16.69 13.82
N GLY A 802 14.37 -18.00 13.94
CA GLY A 802 14.18 -18.67 15.21
C GLY A 802 15.32 -18.47 16.18
N SER A 803 16.55 -18.61 15.71
CA SER A 803 17.71 -18.51 16.58
C SER A 803 18.94 -18.19 15.74
N LYS A 804 20.07 -17.99 16.42
CA LYS A 804 21.33 -17.71 15.73
C LYS A 804 21.81 -18.93 14.94
N HIS A 805 21.88 -20.09 15.62
CA HIS A 805 22.29 -21.32 14.93
C HIS A 805 21.24 -21.77 13.93
N GLY A 806 19.96 -21.46 14.17
CA GLY A 806 18.95 -21.75 13.19
C GLY A 806 19.09 -20.92 11.92
N ARG A 807 19.63 -19.71 12.05
CA ARG A 807 19.89 -18.88 10.88
C ARG A 807 21.06 -19.43 10.07
N LYS A 808 22.15 -19.81 10.76
CA LYS A 808 23.30 -20.37 10.07
C LYS A 808 22.96 -21.74 9.45
N ALA A 809 22.08 -22.51 10.09
CA ALA A 809 21.67 -23.78 9.51
C ALA A 809 20.76 -23.57 8.31
N ALA A 810 19.94 -22.50 8.32
CA ALA A 810 19.11 -22.20 7.16
C ALA A 810 19.95 -21.71 5.99
N TRP A 811 20.98 -20.93 6.27
CA TRP A 811 21.86 -20.45 5.20
C TRP A 811 22.66 -21.60 4.60
N LYS A 812 23.10 -22.54 5.42
CA LYS A 812 23.81 -23.71 4.89
C LYS A 812 22.86 -24.66 4.18
N PHE A 813 21.59 -24.69 4.61
CA PHE A 813 20.62 -25.57 3.97
C PHE A 813 20.30 -25.12 2.54
N ILE A 814 20.15 -23.81 2.34
CA ILE A 814 19.84 -23.30 1.01
C ILE A 814 21.07 -23.27 0.09
N LYS A 815 22.26 -23.46 0.65
CA LYS A 815 23.46 -23.60 -0.17
C LYS A 815 23.67 -25.04 -0.64
N ASP A 816 23.38 -26.01 0.23
CA ASP A 816 23.53 -27.41 -0.14
C ASP A 816 22.43 -27.85 -1.10
N ASN A 817 21.20 -27.36 -0.89
CA ASN A 817 20.08 -27.64 -1.77
C ASN A 817 19.79 -26.50 -2.73
N TRP A 818 20.83 -25.78 -3.17
CA TRP A 818 20.62 -24.61 -4.01
C TRP A 818 20.09 -24.99 -5.39
N GLU A 819 20.56 -26.11 -5.93
CA GLU A 819 20.12 -26.52 -7.27
C GLU A 819 18.62 -26.76 -7.30
N GLU A 820 18.07 -27.38 -6.26
CA GLU A 820 16.64 -27.63 -6.22
C GLU A 820 15.86 -26.36 -5.96
N LEU A 821 16.31 -25.54 -4.99
CA LEU A 821 15.60 -24.31 -4.66
C LEU A 821 15.64 -23.31 -5.82
N TYR A 822 16.77 -23.24 -6.52
CA TYR A 822 16.86 -22.34 -7.67
C TYR A 822 15.91 -22.76 -8.77
N ASN A 823 15.83 -24.06 -9.06
CA ASN A 823 14.89 -24.55 -10.06
C ASN A 823 13.44 -24.30 -9.64
N ARG A 824 13.19 -24.20 -8.33
CA ARG A 824 11.83 -23.98 -7.85
C ARG A 824 11.36 -22.56 -8.13
N TYR A 825 12.14 -21.56 -7.71
CA TYR A 825 11.65 -20.20 -7.59
C TYR A 825 12.41 -19.18 -8.42
N GLN A 826 13.21 -19.61 -9.40
CA GLN A 826 13.99 -18.66 -10.18
C GLN A 826 13.09 -17.73 -10.98
N GLY A 827 13.52 -16.48 -11.09
CA GLY A 827 12.77 -15.48 -11.83
C GLY A 827 11.48 -15.03 -11.19
N GLY A 828 11.19 -15.47 -9.96
CA GLY A 828 9.96 -15.14 -9.29
C GLY A 828 10.20 -14.33 -8.03
N PHE A 829 9.08 -13.99 -7.38
CA PHE A 829 9.15 -13.22 -6.14
C PHE A 829 9.68 -14.05 -4.99
N LEU A 830 9.50 -15.38 -5.04
CA LEU A 830 9.87 -16.23 -3.91
C LEU A 830 11.38 -16.31 -3.71
N ILE A 831 12.16 -16.25 -4.79
CA ILE A 831 13.60 -16.40 -4.64
C ILE A 831 14.21 -15.17 -3.98
N SER A 832 13.60 -13.99 -4.18
CA SER A 832 14.07 -12.80 -3.47
C SER A 832 13.65 -12.83 -2.01
N ARG A 833 12.45 -13.34 -1.73
CA ARG A 833 11.99 -13.49 -0.35
C ARG A 833 12.80 -14.54 0.40
N LEU A 834 13.21 -15.62 -0.29
CA LEU A 834 14.02 -16.65 0.37
C LEU A 834 15.37 -16.10 0.80
N ILE A 835 16.02 -15.32 -0.07
CA ILE A 835 17.31 -14.73 0.28
C ILE A 835 17.15 -13.70 1.38
N LYS A 836 16.09 -12.90 1.31
CA LYS A 836 15.88 -11.85 2.29
C LYS A 836 15.71 -12.42 3.70
N LEU A 837 14.77 -13.36 3.86
CA LEU A 837 14.50 -13.90 5.19
C LEU A 837 15.66 -14.70 5.74
N SER A 838 16.63 -15.07 4.92
CA SER A 838 17.69 -15.96 5.37
C SER A 838 18.95 -15.20 5.81
N VAL A 839 19.31 -14.14 5.10
CA VAL A 839 20.58 -13.47 5.34
C VAL A 839 20.44 -12.12 6.03
N GLU A 840 19.24 -11.52 6.07
CA GLU A 840 19.10 -10.20 6.67
C GLU A 840 19.42 -10.20 8.15
N GLY A 841 19.33 -11.35 8.82
CA GLY A 841 19.58 -11.42 10.25
C GLY A 841 21.04 -11.51 10.64
N PHE A 842 21.94 -11.69 9.67
CA PHE A 842 23.36 -11.81 9.99
C PHE A 842 23.91 -10.47 10.47
N ALA A 843 24.80 -10.53 11.46
CA ALA A 843 25.38 -9.33 12.07
C ALA A 843 26.90 -9.33 11.99
N VAL A 844 27.48 -10.11 11.10
CA VAL A 844 28.92 -10.17 10.90
C VAL A 844 29.25 -9.61 9.53
N ASP A 845 30.17 -8.65 9.48
CA ASP A 845 30.56 -8.07 8.20
C ASP A 845 31.28 -9.09 7.33
N LYS A 846 31.94 -10.08 7.95
CA LYS A 846 32.54 -11.16 7.17
C LYS A 846 31.47 -12.02 6.51
N MET A 847 30.27 -12.07 7.10
CA MET A 847 29.19 -12.86 6.50
C MET A 847 28.59 -12.16 5.29
N ALA A 848 28.56 -10.83 5.28
CA ALA A 848 28.06 -10.10 4.12
C ALA A 848 28.90 -10.39 2.89
N GLY A 849 30.22 -10.45 3.06
CA GLY A 849 31.09 -10.86 1.97
C GLY A 849 30.94 -12.31 1.56
N GLU A 850 30.27 -13.12 2.39
CA GLU A 850 30.07 -14.52 2.02
C GLU A 850 28.82 -14.69 1.16
N VAL A 851 27.76 -13.92 1.43
CA VAL A 851 26.57 -14.04 0.59
C VAL A 851 26.80 -13.37 -0.76
N LYS A 852 27.64 -12.33 -0.82
CA LYS A 852 27.95 -11.72 -2.12
C LYS A 852 28.81 -12.64 -2.96
N ALA A 853 29.73 -13.38 -2.31
CA ALA A 853 30.58 -14.31 -3.05
C ALA A 853 29.81 -15.57 -3.48
N PHE A 854 28.77 -15.94 -2.74
CA PHE A 854 28.00 -17.12 -3.10
C PHE A 854 27.17 -16.88 -4.35
N PHE A 855 26.52 -15.72 -4.45
CA PHE A 855 25.69 -15.40 -5.61
C PHE A 855 26.49 -14.87 -6.79
N GLU A 856 27.81 -14.71 -6.65
CA GLU A 856 28.68 -14.46 -7.79
C GLU A 856 29.12 -15.76 -8.45
N SER A 857 29.16 -16.86 -7.70
CA SER A 857 29.43 -18.18 -8.26
C SER A 857 28.15 -18.93 -8.61
N HIS A 858 27.06 -18.67 -7.87
CA HIS A 858 25.75 -19.25 -8.15
C HIS A 858 24.79 -18.09 -8.38
N PRO A 859 24.71 -17.59 -9.62
CA PRO A 859 23.97 -16.34 -9.86
C PRO A 859 22.47 -16.48 -9.63
N ALA A 860 21.87 -15.38 -9.18
CA ALA A 860 20.42 -15.24 -9.04
C ALA A 860 20.05 -13.89 -9.64
N PRO A 861 19.74 -13.87 -10.94
CA PRO A 861 19.57 -12.56 -11.61
C PRO A 861 18.34 -11.79 -11.14
N SER A 862 17.21 -12.46 -10.95
CA SER A 862 15.99 -11.75 -10.58
C SER A 862 16.05 -11.15 -9.19
N ALA A 863 16.95 -11.63 -8.34
CA ALA A 863 17.10 -11.11 -6.98
C ALA A 863 18.38 -10.28 -6.83
N GLU A 864 18.78 -9.59 -7.91
CA GLU A 864 20.01 -8.82 -7.85
C GLU A 864 19.89 -7.63 -6.91
N ARG A 865 18.71 -7.02 -6.82
CA ARG A 865 18.52 -5.87 -5.95
C ARG A 865 18.39 -6.27 -4.48
N THR A 866 17.84 -7.45 -4.21
CA THR A 866 17.68 -7.89 -2.83
C THR A 866 19.04 -8.20 -2.19
N ILE A 867 19.95 -8.78 -2.97
CA ILE A 867 21.27 -9.13 -2.44
C ILE A 867 22.03 -7.87 -2.03
N GLN A 868 21.91 -6.79 -2.82
CA GLN A 868 22.58 -5.55 -2.50
C GLN A 868 21.98 -4.89 -1.25
N GLN A 869 20.65 -4.90 -1.14
CA GLN A 869 20.02 -4.35 0.05
C GLN A 869 20.36 -5.17 1.30
N CYS A 870 20.41 -6.49 1.16
CA CYS A 870 20.73 -7.34 2.30
C CYS A 870 22.18 -7.18 2.72
N CYS A 871 23.10 -7.06 1.75
CA CYS A 871 24.50 -6.85 2.08
C CYS A 871 24.70 -5.51 2.79
N GLU A 872 24.03 -4.46 2.31
CA GLU A 872 24.07 -3.19 3.02
C GLU A 872 23.42 -3.30 4.39
N ASN A 873 22.40 -4.14 4.51
CA ASN A 873 21.74 -4.31 5.81
C ASN A 873 22.59 -5.13 6.77
N ILE A 874 23.34 -6.11 6.27
CA ILE A 874 24.23 -6.88 7.14
C ILE A 874 25.36 -6.01 7.65
N LEU A 875 25.98 -5.23 6.75
CA LEU A 875 27.05 -4.33 7.17
C LEU A 875 26.54 -3.26 8.12
N LEU A 876 25.27 -2.86 7.99
CA LEU A 876 24.69 -1.90 8.92
C LEU A 876 24.52 -2.53 10.30
N ASN A 877 23.94 -3.74 10.35
CA ASN A 877 23.79 -4.42 11.63
C ASN A 877 25.13 -4.80 12.23
N ALA A 878 26.13 -5.08 11.40
CA ALA A 878 27.45 -5.45 11.91
C ALA A 878 28.13 -4.27 12.59
N ALA A 879 28.15 -3.10 11.91
CA ALA A 879 28.74 -1.92 12.53
C ALA A 879 27.97 -1.50 13.78
N TRP A 880 26.63 -1.60 13.72
CA TRP A 880 25.83 -1.30 14.90
C TRP A 880 26.18 -2.22 16.06
N LEU A 881 26.36 -3.52 15.77
CA LEU A 881 26.68 -4.48 16.83
C LEU A 881 28.06 -4.22 17.42
N LYS A 882 29.06 -4.01 16.57
CA LYS A 882 30.42 -3.81 17.07
C LYS A 882 30.56 -2.51 17.85
N ARG A 883 29.75 -1.51 17.52
CA ARG A 883 29.90 -0.20 18.15
C ARG A 883 29.26 -0.15 19.53
N ASP A 884 28.11 -0.81 19.71
CA ASP A 884 27.29 -0.65 20.90
C ASP A 884 27.19 -1.92 21.74
N ALA A 885 27.93 -2.97 21.41
CA ALA A 885 27.78 -4.24 22.12
C ALA A 885 28.10 -4.10 23.60
N GLU A 886 29.34 -3.74 23.92
CA GLU A 886 29.76 -3.73 25.31
C GLU A 886 29.06 -2.64 26.12
N SER A 887 28.67 -1.53 25.48
CA SER A 887 27.91 -0.51 26.19
C SER A 887 26.55 -1.04 26.63
N ILE A 888 25.87 -1.77 25.75
CA ILE A 888 24.60 -2.39 26.11
C ILE A 888 24.80 -3.41 27.23
N HIS A 889 25.85 -4.23 27.11
CA HIS A 889 26.14 -5.24 28.12
C HIS A 889 26.28 -4.62 29.51
N GLN A 890 27.14 -3.60 29.62
CA GLN A 890 27.37 -2.98 30.92
C GLN A 890 26.15 -2.19 31.40
N TYR A 891 25.28 -1.75 30.50
CA TYR A 891 24.04 -1.12 30.93
C TYR A 891 23.07 -2.13 31.53
N LEU A 892 22.96 -3.31 30.91
CA LEU A 892 22.04 -4.32 31.42
C LEU A 892 22.50 -4.89 32.75
N LEU A 893 23.81 -4.95 32.99
CA LEU A 893 24.30 -5.45 34.26
C LEU A 893 24.10 -4.43 35.37
N GLN A 894 24.34 -3.15 35.08
CA GLN A 894 24.16 -2.11 36.09
C GLN A 894 22.68 -1.90 36.40
N ARG A 895 21.83 -2.01 35.38
CA ARG A 895 20.39 -1.84 35.60
C ARG A 895 19.83 -2.93 36.50
N LYS A 896 20.30 -4.16 36.34
CA LYS A 896 19.79 -5.27 37.14
C LYS A 896 20.12 -5.12 38.61
N ALA A 897 21.23 -4.44 38.94
CA ALA A 897 21.61 -4.23 40.32
C ALA A 897 20.87 -3.04 40.93
#